data_5EQA
#
_entry.id   5EQA
#
_cell.length_a   62.240
_cell.length_b   89.390
_cell.length_c   92.240
_cell.angle_alpha   90.00
_cell.angle_beta   96.93
_cell.angle_gamma   90.00
#
_symmetry.space_group_name_H-M   'P 1 21 1'
#
loop_
_entity.id
_entity.type
_entity.pdbx_description
1 polymer 'Inositol monophosphatase'
2 non-polymer 'CHLORIDE ION'
3 water water
#
_entity_poly.entity_id   1
_entity_poly.type   'polypeptide(L)'
_entity_poly.pdbx_seq_one_letter_code
;SNAMSSSSSPPHQLNHFSDVANKAANAAGDVIRKYFRKNNFDIIHKNDLSPVTIADQSAEEAMVSVILDNFPSHAVYGEE
KGWRCKQDSADYVWVLDPIDGTKSFITG(MLZ)PLFGTLIALLQNGTPILGIIDQPVLKERWIGITGKRTTLNGQEVSTR
TCADLSQAYLYTTSPHLFSGDAEEAFIRVRDKVKIPLYGCDCYAYALLSSGFVDLVVESGLKPYDFLALIPVIEGSGGVI
TDWKGHQLRWEASPLSIATSFNVVAAGDKQIHQQALDSLQW
;
_entity_poly.pdbx_strand_id   A,B,C,D
#
loop_
_chem_comp.id
_chem_comp.type
_chem_comp.name
_chem_comp.formula
CL non-polymer 'CHLORIDE ION' 'Cl -1'
#
# COMPACT_ATOMS: atom_id res chain seq x y z
N GLN A 13 -52.41 0.74 -5.27
CA GLN A 13 -51.78 -0.29 -4.39
C GLN A 13 -50.29 0.03 -4.16
N LEU A 14 -49.55 0.29 -5.22
CA LEU A 14 -48.10 0.46 -5.05
C LEU A 14 -47.76 1.77 -4.28
N ASN A 15 -48.52 2.82 -4.57
CA ASN A 15 -48.39 4.09 -3.81
C ASN A 15 -48.70 3.89 -2.38
N HIS A 16 -49.73 3.08 -2.11
CA HIS A 16 -50.14 2.74 -0.77
C HIS A 16 -49.03 2.04 -0.07
N PHE A 17 -48.36 1.09 -0.72
CA PHE A 17 -47.21 0.42 -0.06
C PHE A 17 -46.13 1.44 0.32
N SER A 18 -45.77 2.37 -0.58
CA SER A 18 -44.73 3.38 -0.29
C SER A 18 -45.15 4.29 0.87
N ASP A 19 -46.39 4.69 0.88
CA ASP A 19 -46.89 5.55 1.93
C ASP A 19 -46.84 4.87 3.27
N VAL A 20 -47.22 3.60 3.34
CA VAL A 20 -47.24 2.87 4.58
C VAL A 20 -45.77 2.61 5.00
N ALA A 21 -44.93 2.24 4.07
CA ALA A 21 -43.54 2.05 4.43
C ALA A 21 -42.93 3.33 5.11
N ASN A 22 -43.17 4.47 4.52
CA ASN A 22 -42.73 5.71 5.07
C ASN A 22 -43.36 5.96 6.43
N LYS A 23 -44.63 5.70 6.63
CA LYS A 23 -45.20 5.80 7.95
C LYS A 23 -44.53 4.89 8.96
N ALA A 24 -44.20 3.67 8.55
CA ALA A 24 -43.54 2.72 9.40
C ALA A 24 -42.14 3.26 9.78
N ALA A 25 -41.41 3.77 8.80
CA ALA A 25 -40.08 4.34 9.08
C ALA A 25 -40.22 5.56 10.01
N ASN A 26 -41.21 6.36 9.83
CA ASN A 26 -41.41 7.52 10.71
C ASN A 26 -41.66 7.04 12.11
N ALA A 27 -42.45 6.02 12.33
CA ALA A 27 -42.75 5.50 13.63
C ALA A 27 -41.50 4.92 14.28
N ALA A 28 -40.69 4.20 13.54
CA ALA A 28 -39.47 3.67 14.06
C ALA A 28 -38.53 4.78 14.48
N GLY A 29 -38.42 5.82 13.67
CA GLY A 29 -37.52 6.96 13.96
C GLY A 29 -37.91 7.65 15.22
N ASP A 30 -39.18 7.87 15.43
CA ASP A 30 -39.65 8.53 16.63
C ASP A 30 -39.26 7.73 17.85
N VAL A 31 -39.36 6.40 17.81
CA VAL A 31 -38.89 5.57 18.93
C VAL A 31 -37.37 5.68 19.12
N ILE A 32 -36.60 5.45 18.08
CA ILE A 32 -35.17 5.42 18.17
C ILE A 32 -34.64 6.73 18.73
N ARG A 33 -35.20 7.88 18.37
CA ARG A 33 -34.74 9.18 18.85
C ARG A 33 -34.90 9.32 20.38
N LYS A 34 -35.83 8.59 20.98
CA LYS A 34 -36.00 8.57 22.48
C LYS A 34 -34.85 7.91 23.19
N TYR A 35 -34.06 7.09 22.49
CA TYR A 35 -33.07 6.23 23.10
C TYR A 35 -31.64 6.54 22.68
N PHE A 36 -31.41 7.09 21.51
CA PHE A 36 -30.09 7.24 21.01
C PHE A 36 -29.32 8.28 21.87
N ARG A 37 -28.11 7.91 22.28
CA ARG A 37 -27.21 8.77 23.14
C ARG A 37 -27.79 8.98 24.50
N LYS A 38 -28.57 8.07 25.03
CA LYS A 38 -28.98 8.13 26.44
C LYS A 38 -28.11 7.16 27.19
N SER A 50 -30.93 -3.15 28.50
CA SER A 50 -30.21 -2.08 27.83
C SER A 50 -31.11 -1.14 26.94
N PRO A 51 -30.69 0.13 26.75
CA PRO A 51 -31.47 0.98 25.86
C PRO A 51 -31.62 0.46 24.45
N VAL A 52 -30.57 -0.12 23.89
CA VAL A 52 -30.65 -0.60 22.50
C VAL A 52 -31.67 -1.75 22.38
N THR A 53 -31.75 -2.68 23.33
CA THR A 53 -32.71 -3.79 23.25
C THR A 53 -34.13 -3.27 23.32
N ILE A 54 -34.39 -2.35 24.24
CA ILE A 54 -35.67 -1.73 24.40
C ILE A 54 -36.04 -0.94 23.16
N ALA A 55 -35.09 -0.19 22.61
CA ALA A 55 -35.29 0.66 21.46
C ALA A 55 -35.67 -0.27 20.28
N ASP A 56 -34.89 -1.34 20.11
CA ASP A 56 -35.07 -2.24 18.94
C ASP A 56 -36.48 -2.88 19.06
N GLN A 57 -36.83 -3.39 20.23
CA GLN A 57 -38.11 -4.03 20.43
C GLN A 57 -39.25 -3.04 20.18
N SER A 58 -39.16 -1.86 20.79
CA SER A 58 -40.21 -0.89 20.69
C SER A 58 -40.37 -0.37 19.26
N ALA A 59 -39.26 -0.17 18.57
CA ALA A 59 -39.33 0.28 17.22
C ALA A 59 -39.93 -0.76 16.27
N GLU A 60 -39.57 -2.03 16.50
CA GLU A 60 -40.21 -3.11 15.69
C GLU A 60 -41.71 -3.09 15.92
N GLU A 61 -42.15 -3.01 17.17
CA GLU A 61 -43.56 -2.98 17.44
C GLU A 61 -44.31 -1.83 16.79
N ALA A 62 -43.69 -0.64 16.82
CA ALA A 62 -44.25 0.52 16.23
C ALA A 62 -44.47 0.27 14.71
N MET A 63 -43.45 -0.26 14.06
CA MET A 63 -43.54 -0.54 12.62
C MET A 63 -44.63 -1.57 12.31
N VAL A 64 -44.63 -2.65 13.07
CA VAL A 64 -45.59 -3.70 12.86
C VAL A 64 -47.00 -3.16 12.99
N SER A 65 -47.26 -2.32 13.99
CA SER A 65 -48.59 -1.79 14.15
CA SER A 65 -48.58 -1.72 14.19
C SER A 65 -49.07 -0.96 12.97
N VAL A 66 -48.19 -0.12 12.43
CA VAL A 66 -48.50 0.62 11.22
C VAL A 66 -48.79 -0.32 10.05
N ILE A 67 -47.90 -1.24 9.84
CA ILE A 67 -48.03 -2.15 8.69
C ILE A 67 -49.36 -2.93 8.71
N LEU A 68 -49.64 -3.56 9.82
CA LEU A 68 -50.81 -4.40 9.90
C LEU A 68 -52.10 -3.63 10.07
N ASP A 69 -52.06 -2.39 10.51
CA ASP A 69 -53.25 -1.59 10.55
C ASP A 69 -53.71 -1.33 9.11
N ASN A 70 -52.76 -1.19 8.23
CA ASN A 70 -52.97 -0.92 6.82
C ASN A 70 -53.15 -2.16 6.01
N PHE A 71 -52.40 -3.22 6.33
CA PHE A 71 -52.36 -4.43 5.47
C PHE A 71 -52.46 -5.66 6.38
N PRO A 72 -53.65 -5.91 6.90
CA PRO A 72 -53.79 -7.06 7.78
C PRO A 72 -53.60 -8.43 7.11
N SER A 73 -53.63 -8.53 5.77
CA SER A 73 -53.31 -9.77 5.12
C SER A 73 -51.87 -9.99 4.90
N HIS A 74 -51.01 -9.02 5.22
CA HIS A 74 -49.57 -9.19 5.07
C HIS A 74 -48.96 -9.92 6.27
N ALA A 75 -47.75 -10.40 6.09
CA ALA A 75 -46.92 -10.92 7.17
C ALA A 75 -45.73 -10.01 7.42
N VAL A 76 -45.13 -10.22 8.60
CA VAL A 76 -43.89 -9.56 8.93
CA VAL A 76 -43.89 -9.55 8.92
C VAL A 76 -42.85 -10.60 9.34
N TYR A 77 -41.59 -10.31 9.02
CA TYR A 77 -40.46 -11.05 9.59
C TYR A 77 -39.50 -10.01 10.17
N GLY A 78 -39.31 -10.08 11.47
CA GLY A 78 -38.49 -9.09 12.11
C GLY A 78 -37.32 -9.69 12.79
N GLU A 79 -36.32 -8.79 12.88
CA GLU A 79 -35.08 -9.08 13.55
C GLU A 79 -35.34 -9.39 15.05
N GLU A 80 -36.35 -8.77 15.67
CA GLU A 80 -36.58 -9.03 17.09
C GLU A 80 -37.37 -10.32 17.26
N LYS A 81 -38.56 -10.41 16.61
CA LYS A 81 -39.49 -11.57 16.88
C LYS A 81 -39.75 -12.60 15.81
N GLY A 82 -39.08 -12.55 14.68
CA GLY A 82 -39.28 -13.58 13.62
C GLY A 82 -40.58 -13.39 12.80
N TRP A 83 -41.11 -14.49 12.26
CA TRP A 83 -42.31 -14.50 11.42
C TRP A 83 -43.55 -14.21 12.28
N ARG A 84 -44.40 -13.33 11.78
CA ARG A 84 -45.71 -13.14 12.34
C ARG A 84 -46.71 -12.98 11.19
N CYS A 85 -47.79 -13.75 11.29
CA CYS A 85 -48.92 -13.64 10.41
C CYS A 85 -50.13 -14.24 11.06
N LYS A 86 -51.25 -13.51 11.01
CA LYS A 86 -52.49 -13.96 11.61
C LYS A 86 -53.19 -15.02 10.71
N GLN A 87 -52.71 -15.20 9.50
CA GLN A 87 -53.17 -16.25 8.56
C GLN A 87 -52.02 -17.22 8.38
N ASP A 88 -52.32 -18.33 7.73
CA ASP A 88 -51.33 -19.40 7.51
C ASP A 88 -50.26 -19.10 6.46
N SER A 89 -50.50 -18.10 5.62
CA SER A 89 -49.59 -17.74 4.50
C SER A 89 -49.87 -16.26 4.15
N ALA A 90 -48.95 -15.69 3.35
CA ALA A 90 -49.09 -14.33 2.87
C ALA A 90 -48.33 -14.20 1.57
N ASP A 91 -48.92 -13.42 0.64
CA ASP A 91 -48.25 -13.03 -0.62
C ASP A 91 -47.19 -11.93 -0.41
N TYR A 92 -47.48 -11.06 0.56
CA TYR A 92 -46.64 -9.89 0.90
C TYR A 92 -46.07 -10.06 2.30
N VAL A 93 -44.75 -9.88 2.39
CA VAL A 93 -44.04 -10.04 3.66
C VAL A 93 -43.12 -8.81 3.82
N TRP A 94 -43.25 -8.18 5.02
CA TRP A 94 -42.36 -7.07 5.38
C TRP A 94 -41.23 -7.60 6.22
N VAL A 95 -40.02 -7.40 5.77
CA VAL A 95 -38.86 -7.88 6.53
C VAL A 95 -38.11 -6.66 7.11
N LEU A 96 -37.96 -6.67 8.44
CA LEU A 96 -37.58 -5.46 9.15
C LEU A 96 -36.37 -5.64 10.03
N ASP A 97 -35.52 -4.61 10.06
CA ASP A 97 -34.47 -4.54 11.12
C ASP A 97 -34.52 -3.08 11.63
N PRO A 98 -35.05 -2.88 12.86
CA PRO A 98 -35.13 -1.49 13.34
C PRO A 98 -33.77 -0.80 13.55
N ILE A 99 -32.79 -1.57 13.93
CA ILE A 99 -31.43 -1.00 14.19
C ILE A 99 -30.37 -1.93 13.59
N ASP A 100 -30.09 -1.75 12.32
CA ASP A 100 -28.99 -2.38 11.66
C ASP A 100 -27.74 -1.56 11.99
N GLY A 101 -26.88 -2.16 12.79
CA GLY A 101 -25.70 -1.45 13.32
C GLY A 101 -25.85 -1.16 14.81
N THR A 102 -26.17 -2.16 15.59
CA THR A 102 -26.32 -1.95 17.02
C THR A 102 -25.04 -1.43 17.71
N LYS A 103 -23.89 -1.84 17.22
CA LYS A 103 -22.64 -1.37 17.86
C LYS A 103 -22.47 0.10 17.62
N SER A 104 -22.77 0.60 16.43
CA SER A 104 -22.79 2.04 16.21
C SER A 104 -23.77 2.69 17.13
N PHE A 105 -24.98 2.17 17.22
CA PHE A 105 -25.99 2.81 18.03
C PHE A 105 -25.54 2.91 19.50
N ILE A 106 -25.00 1.85 20.02
CA ILE A 106 -24.57 1.78 21.43
C ILE A 106 -23.46 2.79 21.70
N THR A 107 -22.58 3.01 20.73
CA THR A 107 -21.45 3.92 20.89
C THR A 107 -21.73 5.31 20.43
N GLY A 108 -22.99 5.65 20.17
CA GLY A 108 -23.37 6.98 19.88
C GLY A 108 -23.03 7.52 18.50
N MLZ A 109 -22.76 6.61 17.55
CA MLZ A 109 -22.41 6.98 16.17
CB MLZ A 109 -21.29 6.12 15.68
CG MLZ A 109 -20.86 6.44 14.32
CD MLZ A 109 -19.62 5.70 13.84
CE MLZ A 109 -18.34 6.18 14.54
NZ MLZ A 109 -17.15 5.56 13.98
CM MLZ A 109 -15.89 5.88 14.64
C MLZ A 109 -23.66 6.86 15.31
O MLZ A 109 -24.22 5.77 15.18
N PRO A 110 -24.05 7.96 14.65
CA PRO A 110 -25.38 7.95 13.93
C PRO A 110 -25.31 7.38 12.50
N LEU A 111 -24.70 6.22 12.35
CA LEU A 111 -24.56 5.52 11.07
C LEU A 111 -25.18 4.13 11.07
N PHE A 112 -25.94 3.81 12.10
CA PHE A 112 -26.88 2.65 12.02
C PHE A 112 -28.05 3.05 11.13
N GLY A 113 -28.92 2.08 10.81
CA GLY A 113 -30.10 2.44 10.07
C GLY A 113 -31.23 1.48 10.34
N THR A 114 -32.45 1.99 10.05
CA THR A 114 -33.62 1.16 10.03
C THR A 114 -33.78 0.66 8.60
N LEU A 115 -33.96 -0.67 8.47
CA LEU A 115 -34.22 -1.34 7.18
C LEU A 115 -35.64 -1.89 7.15
N ILE A 116 -36.28 -1.56 6.03
CA ILE A 116 -37.63 -2.10 5.75
C ILE A 116 -37.62 -2.59 4.32
N ALA A 117 -37.98 -3.89 4.17
CA ALA A 117 -38.17 -4.46 2.80
C ALA A 117 -39.61 -5.01 2.73
N LEU A 118 -40.20 -4.83 1.57
CA LEU A 118 -41.49 -5.52 1.27
C LEU A 118 -41.21 -6.49 0.13
N LEU A 119 -41.57 -7.75 0.37
CA LEU A 119 -41.38 -8.83 -0.60
C LEU A 119 -42.73 -9.31 -1.11
N GLN A 120 -42.82 -9.44 -2.43
CA GLN A 120 -44.04 -10.02 -3.05
C GLN A 120 -43.59 -11.37 -3.62
N ASN A 121 -44.20 -12.44 -3.09
CA ASN A 121 -43.80 -13.78 -3.54
C ASN A 121 -42.30 -14.01 -3.45
N GLY A 122 -41.73 -13.48 -2.36
CA GLY A 122 -40.32 -13.65 -2.09
C GLY A 122 -39.37 -12.64 -2.70
N THR A 123 -39.85 -11.76 -3.56
CA THR A 123 -39.00 -10.81 -4.31
C THR A 123 -39.20 -9.41 -3.73
N PRO A 124 -38.07 -8.76 -3.32
CA PRO A 124 -38.19 -7.36 -2.82
C PRO A 124 -38.75 -6.41 -3.88
N ILE A 125 -39.78 -5.68 -3.51
CA ILE A 125 -40.35 -4.67 -4.38
C ILE A 125 -40.17 -3.24 -3.86
N LEU A 126 -39.76 -3.16 -2.58
CA LEU A 126 -39.57 -1.84 -1.94
C LEU A 126 -38.54 -2.07 -0.86
N GLY A 127 -37.62 -1.11 -0.72
CA GLY A 127 -36.63 -1.12 0.37
C GLY A 127 -36.38 0.31 0.83
N ILE A 128 -36.27 0.44 2.17
CA ILE A 128 -35.93 1.74 2.77
C ILE A 128 -34.70 1.51 3.62
N ILE A 129 -33.75 2.45 3.48
CA ILE A 129 -32.63 2.63 4.44
C ILE A 129 -32.88 3.99 5.11
N ASP A 130 -33.17 3.99 6.41
CA ASP A 130 -33.51 5.23 7.09
C ASP A 130 -32.50 5.48 8.22
N GLN A 131 -31.94 6.71 8.21
CA GLN A 131 -31.06 7.15 9.31
C GLN A 131 -31.89 8.20 10.05
N PRO A 132 -32.48 7.87 11.21
CA PRO A 132 -33.45 8.78 11.80
C PRO A 132 -32.84 9.96 12.55
N VAL A 133 -31.56 9.89 12.89
CA VAL A 133 -30.88 11.01 13.56
C VAL A 133 -30.43 12.01 12.50
N LEU A 134 -29.79 11.54 11.42
CA LEU A 134 -29.34 12.37 10.33
C LEU A 134 -30.46 12.83 9.46
N LYS A 135 -31.62 12.19 9.62
CA LYS A 135 -32.77 12.49 8.74
C LYS A 135 -32.45 12.33 7.26
N GLU A 136 -31.99 11.11 6.99
CA GLU A 136 -31.67 10.68 5.61
C GLU A 136 -32.42 9.40 5.38
N ARG A 137 -33.17 9.39 4.25
CA ARG A 137 -33.97 8.21 3.90
C ARG A 137 -33.80 7.93 2.41
N TRP A 138 -33.24 6.73 2.15
CA TRP A 138 -33.15 6.17 0.78
C TRP A 138 -34.33 5.22 0.60
N ILE A 139 -35.00 5.43 -0.53
CA ILE A 139 -36.13 4.55 -0.89
C ILE A 139 -35.94 4.00 -2.29
N GLY A 140 -35.98 2.67 -2.37
CA GLY A 140 -35.97 1.97 -3.65
C GLY A 140 -37.33 1.29 -3.83
N ILE A 141 -37.85 1.48 -5.03
CA ILE A 141 -39.17 0.89 -5.40
C ILE A 141 -39.03 0.34 -6.80
N THR A 142 -39.51 -0.91 -6.99
CA THR A 142 -39.43 -1.47 -8.35
C THR A 142 -40.17 -0.61 -9.34
N GLY A 143 -39.48 -0.29 -10.44
CA GLY A 143 -40.01 0.51 -11.45
C GLY A 143 -39.56 1.96 -11.38
N LYS A 144 -38.99 2.41 -10.29
CA LYS A 144 -38.63 3.81 -10.12
C LYS A 144 -37.12 3.92 -9.84
N ARG A 145 -36.60 5.11 -10.06
CA ARG A 145 -35.23 5.41 -9.65
C ARG A 145 -35.24 5.68 -8.13
N THR A 146 -34.19 5.17 -7.47
CA THR A 146 -34.02 5.37 -6.04
C THR A 146 -33.88 6.86 -5.68
N THR A 147 -34.41 7.21 -4.50
CA THR A 147 -34.36 8.60 -4.04
C THR A 147 -33.74 8.64 -2.62
N LEU A 148 -33.08 9.79 -2.35
CA LEU A 148 -32.64 10.18 -1.03
C LEU A 148 -33.41 11.46 -0.68
N ASN A 149 -34.21 11.40 0.38
CA ASN A 149 -35.03 12.54 0.79
C ASN A 149 -35.76 13.15 -0.41
N GLY A 150 -36.29 12.23 -1.24
CA GLY A 150 -37.14 12.61 -2.36
C GLY A 150 -36.45 12.99 -3.63
N GLN A 151 -35.12 13.07 -3.65
CA GLN A 151 -34.37 13.44 -4.81
C GLN A 151 -33.69 12.22 -5.41
N GLU A 152 -33.78 12.05 -6.73
CA GLU A 152 -33.18 10.90 -7.39
C GLU A 152 -31.63 10.80 -7.17
N VAL A 153 -31.13 9.60 -6.99
CA VAL A 153 -29.76 9.33 -6.85
C VAL A 153 -29.26 8.40 -7.90
N SER A 154 -27.98 8.31 -8.09
CA SER A 154 -27.34 7.36 -8.99
C SER A 154 -26.04 6.86 -8.52
N THR A 155 -25.67 5.64 -8.81
CA THR A 155 -24.34 5.16 -8.67
C THR A 155 -23.43 5.85 -9.64
N ARG A 156 -22.14 5.73 -9.44
CA ARG A 156 -21.22 6.33 -10.38
C ARG A 156 -20.52 5.24 -11.19
N THR A 157 -20.03 5.65 -12.35
CA THR A 157 -19.30 4.79 -13.20
C THR A 157 -17.89 4.62 -12.60
N CYS A 158 -17.33 3.49 -12.86
CA CYS A 158 -16.01 3.15 -12.49
C CYS A 158 -15.63 2.00 -13.46
N ALA A 159 -14.47 2.10 -14.04
CA ALA A 159 -14.13 1.10 -15.12
C ALA A 159 -13.18 0.03 -14.66
N ASP A 160 -12.41 0.35 -13.61
CA ASP A 160 -11.42 -0.57 -13.16
C ASP A 160 -11.31 -0.60 -11.67
N LEU A 161 -11.22 -1.81 -11.20
CA LEU A 161 -11.09 -2.07 -9.79
C LEU A 161 -9.94 -1.26 -9.15
N SER A 162 -8.85 -1.04 -9.89
CA SER A 162 -7.73 -0.25 -9.37
C SER A 162 -8.09 1.19 -9.05
N GLN A 163 -9.22 1.67 -9.57
CA GLN A 163 -9.71 3.03 -9.34
C GLN A 163 -10.79 3.10 -8.22
N ALA A 164 -11.21 1.96 -7.72
CA ALA A 164 -12.30 1.91 -6.78
C ALA A 164 -12.12 2.33 -5.33
N TYR A 165 -13.19 2.89 -4.79
CA TYR A 165 -13.30 3.23 -3.38
C TYR A 165 -14.15 2.06 -2.83
N LEU A 166 -13.63 1.39 -1.81
CA LEU A 166 -14.27 0.21 -1.26
C LEU A 166 -14.55 0.22 0.23
N TYR A 167 -15.70 -0.27 0.66
CA TYR A 167 -15.95 -0.54 2.05
C TYR A 167 -15.92 -2.04 2.28
N THR A 168 -15.19 -2.51 3.31
CA THR A 168 -15.29 -3.87 3.80
C THR A 168 -15.50 -3.83 5.34
N THR A 169 -16.05 -4.88 5.85
CA THR A 169 -16.23 -5.05 7.28
C THR A 169 -15.64 -6.36 7.70
N SER A 170 -15.20 -6.49 8.95
CA SER A 170 -14.72 -7.75 9.47
C SER A 170 -15.80 -8.82 9.30
N PRO A 171 -15.38 -10.08 8.99
CA PRO A 171 -16.37 -11.17 8.81
C PRO A 171 -17.27 -11.32 10.03
N HIS A 172 -18.59 -11.30 9.88
CA HIS A 172 -19.44 -11.29 11.02
C HIS A 172 -19.48 -12.64 11.72
N LEU A 173 -19.15 -13.76 11.03
CA LEU A 173 -19.02 -15.08 11.63
C LEU A 173 -17.56 -15.53 11.67
N PHE A 174 -16.65 -14.54 11.58
CA PHE A 174 -15.22 -14.81 11.91
C PHE A 174 -14.61 -15.80 10.95
N SER A 175 -15.12 -15.88 9.72
CA SER A 175 -14.56 -16.86 8.77
C SER A 175 -13.17 -16.48 8.30
N GLY A 176 -12.22 -17.41 8.45
CA GLY A 176 -10.88 -17.28 7.95
C GLY A 176 -10.81 -17.15 6.43
N ASP A 177 -11.62 -17.98 5.77
CA ASP A 177 -11.68 -17.94 4.30
C ASP A 177 -12.19 -16.58 3.83
N ALA A 178 -13.18 -16.03 4.53
CA ALA A 178 -13.68 -14.72 4.19
C ALA A 178 -12.62 -13.67 4.35
N GLU A 179 -11.83 -13.76 5.43
CA GLU A 179 -10.79 -12.78 5.61
C GLU A 179 -9.76 -12.84 4.49
N GLU A 180 -9.42 -14.07 4.05
CA GLU A 180 -8.47 -14.17 2.94
C GLU A 180 -8.99 -13.49 1.67
N ALA A 181 -10.30 -13.62 1.44
CA ALA A 181 -10.92 -12.97 0.28
C ALA A 181 -10.92 -11.46 0.44
N PHE A 182 -11.26 -11.00 1.64
CA PHE A 182 -11.21 -9.55 1.92
C PHE A 182 -9.82 -8.95 1.65
N ILE A 183 -8.78 -9.67 2.08
CA ILE A 183 -7.42 -9.19 1.80
C ILE A 183 -7.20 -9.06 0.29
N ARG A 184 -7.56 -10.09 -0.47
CA ARG A 184 -7.40 -10.05 -1.92
C ARG A 184 -8.10 -8.83 -2.54
N VAL A 185 -9.35 -8.59 -2.17
CA VAL A 185 -10.05 -7.45 -2.81
CA VAL A 185 -10.05 -7.48 -2.81
C VAL A 185 -9.49 -6.12 -2.36
N ARG A 186 -9.18 -5.98 -1.06
CA ARG A 186 -8.58 -4.69 -0.56
C ARG A 186 -7.28 -4.37 -1.27
N ASP A 187 -6.53 -5.38 -1.68
CA ASP A 187 -5.23 -5.18 -2.32
C ASP A 187 -5.34 -4.69 -3.76
N LYS A 188 -6.51 -4.84 -4.34
CA LYS A 188 -6.72 -4.49 -5.72
C LYS A 188 -7.31 -3.10 -5.92
N VAL A 189 -7.80 -2.46 -4.87
CA VAL A 189 -8.57 -1.21 -5.03
C VAL A 189 -7.70 0.03 -4.78
N LYS A 190 -8.24 1.18 -5.13
CA LYS A 190 -7.56 2.46 -4.87
C LYS A 190 -7.59 2.82 -3.39
N ILE A 191 -8.79 2.87 -2.82
CA ILE A 191 -8.98 3.27 -1.41
C ILE A 191 -9.87 2.27 -0.69
N PRO A 192 -9.25 1.45 0.18
CA PRO A 192 -10.01 0.58 1.04
C PRO A 192 -10.37 1.22 2.34
N LEU A 193 -11.62 1.24 2.72
CA LEU A 193 -12.13 1.86 3.91
C LEU A 193 -12.93 0.88 4.69
N TYR A 194 -13.13 1.14 5.99
CA TYR A 194 -13.92 0.28 6.82
C TYR A 194 -15.40 0.65 6.69
N GLY A 195 -16.26 -0.34 6.54
CA GLY A 195 -17.72 -0.18 6.37
C GLY A 195 -18.49 0.34 7.54
N CYS A 196 -19.77 0.43 7.39
CA CYS A 196 -20.65 0.98 8.37
C CYS A 196 -22.09 0.53 8.14
N ASP A 197 -22.25 -0.75 8.25
CA ASP A 197 -23.60 -1.39 8.13
C ASP A 197 -24.28 -0.90 6.82
N CYS A 198 -25.58 -0.69 6.95
CA CYS A 198 -26.36 -0.25 5.81
C CYS A 198 -25.91 1.05 5.23
N TYR A 199 -25.30 1.92 6.05
CA TYR A 199 -24.93 3.24 5.55
C TYR A 199 -23.92 3.16 4.41
N ALA A 200 -23.08 2.15 4.41
CA ALA A 200 -22.11 1.97 3.35
C ALA A 200 -22.84 1.84 1.99
N TYR A 201 -23.91 1.03 2.01
CA TYR A 201 -24.69 0.79 0.77
C TYR A 201 -25.45 2.00 0.36
N ALA A 202 -25.92 2.81 1.33
CA ALA A 202 -26.53 4.04 1.01
C ALA A 202 -25.60 5.00 0.27
N LEU A 203 -24.37 5.10 0.76
CA LEU A 203 -23.38 5.90 0.10
C LEU A 203 -22.98 5.36 -1.32
N LEU A 204 -22.97 4.05 -1.43
CA LEU A 204 -22.78 3.46 -2.76
CA LEU A 204 -22.80 3.45 -2.76
C LEU A 204 -23.93 3.89 -3.74
N SER A 205 -25.16 3.82 -3.21
CA SER A 205 -26.35 4.12 -4.05
C SER A 205 -26.36 5.59 -4.47
N SER A 206 -25.75 6.49 -3.64
CA SER A 206 -25.63 7.87 -3.97
C SER A 206 -24.39 8.21 -4.80
N GLY A 207 -23.55 7.24 -5.10
CA GLY A 207 -22.44 7.45 -5.96
C GLY A 207 -21.16 7.94 -5.30
N PHE A 208 -21.02 7.71 -4.02
CA PHE A 208 -19.81 8.19 -3.30
C PHE A 208 -18.73 7.15 -3.13
N VAL A 209 -19.08 5.88 -3.28
CA VAL A 209 -18.16 4.76 -3.30
C VAL A 209 -18.54 3.79 -4.36
N ASP A 210 -17.65 2.88 -4.65
CA ASP A 210 -17.82 1.97 -5.83
C ASP A 210 -18.11 0.56 -5.47
N LEU A 211 -17.77 0.08 -4.27
CA LEU A 211 -17.82 -1.32 -3.95
C LEU A 211 -18.02 -1.51 -2.44
N VAL A 212 -18.91 -2.40 -2.04
CA VAL A 212 -19.16 -2.75 -0.65
C VAL A 212 -19.13 -4.26 -0.55
N VAL A 213 -18.35 -4.85 0.34
CA VAL A 213 -18.23 -6.28 0.47
C VAL A 213 -18.40 -6.64 1.94
N GLU A 214 -19.24 -7.60 2.28
N GLU A 214 -19.26 -7.59 2.30
CA GLU A 214 -19.47 -8.00 3.66
CA GLU A 214 -19.51 -7.96 3.69
C GLU A 214 -19.73 -9.49 3.71
C GLU A 214 -19.77 -9.48 3.74
N SER A 215 -19.44 -10.12 4.83
CA SER A 215 -19.67 -11.54 5.03
CA SER A 215 -19.69 -11.55 5.02
C SER A 215 -20.48 -11.78 6.28
N GLY A 216 -21.47 -12.68 6.22
CA GLY A 216 -22.21 -13.04 7.39
C GLY A 216 -23.36 -12.20 7.78
N LEU A 217 -24.08 -11.72 6.77
CA LEU A 217 -25.27 -10.92 7.01
C LEU A 217 -26.57 -11.74 6.98
N LYS A 218 -27.49 -11.45 7.88
CA LYS A 218 -28.80 -12.08 7.85
C LYS A 218 -29.74 -11.32 6.88
N PRO A 219 -30.84 -12.00 6.46
CA PRO A 219 -31.66 -11.37 5.36
C PRO A 219 -32.30 -10.04 5.70
N TYR A 220 -32.65 -9.87 6.97
CA TYR A 220 -33.21 -8.58 7.36
C TYR A 220 -32.21 -7.40 7.28
N ASP A 221 -30.94 -7.74 7.09
CA ASP A 221 -29.90 -6.72 6.89
C ASP A 221 -29.41 -6.59 5.48
N PHE A 222 -30.02 -7.33 4.53
CA PHE A 222 -29.73 -7.09 3.13
C PHE A 222 -30.91 -6.91 2.16
N LEU A 223 -32.08 -7.45 2.52
CA LEU A 223 -33.18 -7.43 1.53
C LEU A 223 -33.53 -6.03 1.14
N ALA A 224 -33.63 -5.10 2.14
CA ALA A 224 -33.99 -3.74 1.84
C ALA A 224 -32.98 -3.06 0.93
N LEU A 225 -31.71 -3.51 0.96
CA LEU A 225 -30.68 -2.95 0.18
C LEU A 225 -30.89 -3.11 -1.35
N ILE A 226 -31.55 -4.25 -1.68
CA ILE A 226 -31.61 -4.65 -3.09
C ILE A 226 -32.34 -3.65 -4.01
N PRO A 227 -33.58 -3.24 -3.63
CA PRO A 227 -34.25 -2.28 -4.50
C PRO A 227 -33.55 -0.90 -4.49
N VAL A 228 -32.93 -0.57 -3.35
CA VAL A 228 -32.21 0.72 -3.24
C VAL A 228 -31.03 0.76 -4.21
N ILE A 229 -30.18 -0.26 -4.16
CA ILE A 229 -29.00 -0.34 -4.99
C ILE A 229 -29.35 -0.49 -6.45
N GLU A 230 -30.23 -1.49 -6.71
CA GLU A 230 -30.57 -1.76 -8.16
C GLU A 230 -31.22 -0.55 -8.80
N GLY A 231 -32.11 0.12 -8.03
CA GLY A 231 -32.78 1.28 -8.56
C GLY A 231 -31.97 2.53 -8.67
N SER A 232 -30.75 2.51 -8.13
CA SER A 232 -29.73 3.55 -8.38
C SER A 232 -28.81 3.29 -9.52
N GLY A 233 -28.94 2.08 -10.13
CA GLY A 233 -28.11 1.68 -11.20
C GLY A 233 -26.98 0.72 -10.85
N GLY A 234 -26.94 0.25 -9.61
CA GLY A 234 -25.96 -0.68 -9.16
C GLY A 234 -26.32 -2.12 -9.25
N VAL A 235 -25.43 -2.95 -8.71
CA VAL A 235 -25.61 -4.37 -8.73
CA VAL A 235 -25.56 -4.39 -8.75
C VAL A 235 -25.30 -4.94 -7.35
N ILE A 236 -26.00 -5.97 -6.87
CA ILE A 236 -25.76 -6.58 -5.61
C ILE A 236 -26.04 -8.04 -5.72
N THR A 237 -25.11 -8.89 -5.36
CA THR A 237 -25.23 -10.34 -5.46
C THR A 237 -24.54 -10.98 -4.27
N ASP A 238 -24.54 -12.32 -4.21
CA ASP A 238 -23.72 -13.05 -3.33
C ASP A 238 -22.28 -13.10 -3.91
N TRP A 239 -21.35 -13.72 -3.18
CA TRP A 239 -19.97 -13.72 -3.61
C TRP A 239 -19.65 -14.56 -4.80
N LYS A 240 -20.58 -15.45 -5.18
CA LYS A 240 -20.47 -16.17 -6.48
C LYS A 240 -21.10 -15.44 -7.60
N GLY A 241 -21.74 -14.31 -7.35
CA GLY A 241 -22.40 -13.60 -8.43
C GLY A 241 -23.87 -13.98 -8.56
N HIS A 242 -24.37 -14.83 -7.71
CA HIS A 242 -25.74 -15.30 -7.77
C HIS A 242 -26.69 -14.34 -7.12
N GLN A 243 -27.94 -14.37 -7.54
CA GLN A 243 -28.97 -13.54 -6.94
C GLN A 243 -29.06 -13.74 -5.44
N LEU A 244 -29.17 -12.65 -4.69
CA LEU A 244 -29.44 -12.75 -3.27
C LEU A 244 -30.91 -12.89 -3.11
N ARG A 245 -31.33 -13.95 -2.49
CA ARG A 245 -32.73 -14.24 -2.35
C ARG A 245 -32.99 -14.97 -1.05
N TRP A 246 -34.07 -14.53 -0.37
CA TRP A 246 -34.52 -15.21 0.81
C TRP A 246 -36.02 -15.04 0.86
N GLU A 247 -36.73 -16.13 0.72
CA GLU A 247 -38.18 -16.14 0.64
C GLU A 247 -38.65 -16.31 2.08
N ALA A 248 -39.00 -15.25 2.74
CA ALA A 248 -39.54 -15.24 4.06
C ALA A 248 -40.90 -15.95 4.06
N SER A 249 -41.04 -16.86 4.99
CA SER A 249 -42.19 -17.71 5.06
C SER A 249 -42.38 -18.19 6.51
N PRO A 250 -43.43 -18.89 6.82
CA PRO A 250 -43.52 -19.43 8.18
C PRO A 250 -42.37 -20.35 8.57
N LEU A 251 -41.77 -21.01 7.59
CA LEU A 251 -40.73 -22.03 7.84
C LEU A 251 -39.32 -21.60 7.42
N SER A 252 -39.18 -20.37 6.89
CA SER A 252 -37.85 -19.94 6.45
C SER A 252 -36.92 -19.78 7.66
N ILE A 253 -35.67 -20.07 7.42
CA ILE A 253 -34.63 -19.97 8.41
C ILE A 253 -33.69 -18.82 8.05
N ALA A 254 -33.52 -17.86 8.98
CA ALA A 254 -32.64 -16.67 8.74
C ALA A 254 -31.19 -17.00 8.81
N THR A 255 -30.69 -17.59 7.75
CA THR A 255 -29.32 -17.95 7.60
C THR A 255 -28.48 -16.72 7.21
N SER A 256 -27.17 -16.94 7.23
CA SER A 256 -26.22 -15.85 6.95
C SER A 256 -25.70 -15.96 5.46
N PHE A 257 -25.49 -14.80 4.90
CA PHE A 257 -25.11 -14.62 3.49
C PHE A 257 -23.90 -13.73 3.32
N ASN A 258 -23.19 -13.86 2.22
CA ASN A 258 -22.07 -12.96 1.91
C ASN A 258 -22.59 -12.09 0.77
N VAL A 259 -22.27 -10.80 0.79
CA VAL A 259 -22.81 -9.81 -0.11
C VAL A 259 -21.76 -9.05 -0.78
N VAL A 260 -21.90 -8.74 -2.06
CA VAL A 260 -21.04 -7.79 -2.73
C VAL A 260 -21.86 -6.89 -3.61
N ALA A 261 -21.74 -5.59 -3.41
CA ALA A 261 -22.48 -4.58 -4.13
C ALA A 261 -21.56 -3.65 -4.84
N ALA A 262 -21.88 -3.23 -6.04
CA ALA A 262 -21.09 -2.33 -6.83
C ALA A 262 -21.88 -1.28 -7.51
N GLY A 263 -21.31 -0.15 -7.76
CA GLY A 263 -21.98 0.87 -8.53
C GLY A 263 -22.00 0.64 -10.00
N ASP A 264 -21.05 -0.12 -10.48
CA ASP A 264 -20.91 -0.43 -11.92
C ASP A 264 -20.68 -1.93 -12.15
N LYS A 265 -21.45 -2.54 -13.06
CA LYS A 265 -21.27 -3.93 -13.43
C LYS A 265 -19.87 -4.43 -13.75
N GLN A 266 -19.04 -3.59 -14.33
CA GLN A 266 -17.65 -3.99 -14.68
C GLN A 266 -16.84 -4.23 -13.43
N ILE A 267 -16.96 -3.31 -12.51
CA ILE A 267 -16.23 -3.40 -11.23
C ILE A 267 -16.74 -4.64 -10.49
N HIS A 268 -18.07 -4.80 -10.43
CA HIS A 268 -18.62 -6.01 -9.82
C HIS A 268 -17.97 -7.30 -10.27
N GLN A 269 -17.87 -7.51 -11.55
CA GLN A 269 -17.26 -8.73 -12.05
C GLN A 269 -15.77 -8.89 -11.65
N GLN A 270 -15.03 -7.80 -11.70
CA GLN A 270 -13.65 -7.81 -11.25
C GLN A 270 -13.58 -8.17 -9.75
N ALA A 271 -14.53 -7.65 -8.98
CA ALA A 271 -14.57 -8.02 -7.55
C ALA A 271 -14.82 -9.49 -7.36
N LEU A 272 -15.76 -10.03 -8.13
CA LEU A 272 -16.02 -11.49 -8.07
C LEU A 272 -14.76 -12.32 -8.34
N ASP A 273 -13.99 -11.86 -9.33
CA ASP A 273 -12.77 -12.53 -9.74
C ASP A 273 -11.75 -12.55 -8.60
N SER A 274 -11.64 -11.43 -7.85
CA SER A 274 -10.78 -11.35 -6.67
C SER A 274 -11.27 -12.17 -5.52
N LEU A 275 -12.58 -12.24 -5.28
CA LEU A 275 -13.10 -13.04 -4.13
C LEU A 275 -12.85 -14.52 -4.30
N GLN A 276 -12.84 -14.97 -5.57
CA GLN A 276 -12.47 -16.37 -5.87
C GLN A 276 -13.33 -17.32 -5.06
N TRP A 277 -14.63 -17.04 -4.99
CA TRP A 277 -15.53 -17.80 -4.17
C TRP A 277 -16.17 -18.97 -4.89
N LEU B 14 -8.79 32.50 27.56
CA LEU B 14 -9.69 33.63 27.66
C LEU B 14 -10.98 33.46 26.86
N ASN B 15 -11.97 34.18 27.31
CA ASN B 15 -13.27 34.20 26.66
C ASN B 15 -13.18 34.80 25.27
N HIS B 16 -12.34 35.80 25.09
CA HIS B 16 -12.01 36.35 23.80
C HIS B 16 -11.41 35.27 22.87
N PHE B 17 -10.44 34.50 23.29
CA PHE B 17 -9.87 33.40 22.50
C PHE B 17 -10.99 32.41 22.09
N SER B 18 -11.88 32.09 23.01
CA SER B 18 -13.05 31.19 22.70
C SER B 18 -13.95 31.77 21.65
N ASP B 19 -14.22 33.03 21.76
CA ASP B 19 -15.12 33.68 20.84
C ASP B 19 -14.52 33.63 19.42
N VAL B 20 -13.26 33.93 19.30
CA VAL B 20 -12.59 33.93 18.05
C VAL B 20 -12.44 32.51 17.50
N ALA B 21 -12.14 31.56 18.34
CA ALA B 21 -12.02 30.16 17.89
C ALA B 21 -13.40 29.72 17.32
N ASN B 22 -14.51 30.07 17.95
CA ASN B 22 -15.83 29.76 17.42
C ASN B 22 -16.06 30.44 16.13
N LYS B 23 -15.67 31.69 15.98
CA LYS B 23 -15.81 32.37 14.70
C LYS B 23 -15.02 31.69 13.63
N ALA B 24 -13.82 31.22 13.92
CA ALA B 24 -12.98 30.51 12.98
C ALA B 24 -13.66 29.18 12.58
N ALA B 25 -14.17 28.45 13.54
CA ALA B 25 -14.87 27.19 13.21
C ALA B 25 -16.13 27.47 12.37
N ASN B 26 -16.84 28.55 12.62
CA ASN B 26 -17.98 28.90 11.81
C ASN B 26 -17.57 29.18 10.40
N ALA B 27 -16.45 29.87 10.18
CA ALA B 27 -15.99 30.25 8.86
C ALA B 27 -15.58 28.96 8.10
N ALA B 28 -14.90 28.04 8.74
CA ALA B 28 -14.53 26.76 8.11
C ALA B 28 -15.76 25.96 7.74
N GLY B 29 -16.77 25.99 8.60
CA GLY B 29 -17.98 25.15 8.40
C GLY B 29 -18.75 25.66 7.18
N ASP B 30 -18.81 26.93 6.93
CA ASP B 30 -19.51 27.46 5.74
C ASP B 30 -18.80 26.98 4.52
N VAL B 31 -17.49 26.96 4.44
CA VAL B 31 -16.75 26.44 3.32
C VAL B 31 -16.99 24.97 3.15
N ILE B 32 -16.85 24.18 4.19
CA ILE B 32 -16.97 22.76 4.11
C ILE B 32 -18.32 22.34 3.63
N ARG B 33 -19.36 22.94 4.17
CA ARG B 33 -20.75 22.61 3.77
C ARG B 33 -21.00 22.95 2.32
N LYS B 34 -20.33 23.93 1.77
CA LYS B 34 -20.43 24.26 0.32
C LYS B 34 -19.94 23.09 -0.55
N TYR B 35 -18.89 22.39 -0.14
CA TYR B 35 -18.21 21.38 -0.96
C TYR B 35 -18.57 19.94 -0.65
N PHE B 36 -19.09 19.68 0.54
CA PHE B 36 -19.33 18.28 0.95
C PHE B 36 -20.45 17.67 0.07
N ARG B 37 -20.18 16.46 -0.41
CA ARG B 37 -21.09 15.70 -1.28
C ARG B 37 -21.36 16.42 -2.60
N LYS B 38 -20.52 17.30 -3.05
CA LYS B 38 -20.46 17.68 -4.48
C LYS B 38 -19.65 16.58 -5.16
N SER B 50 -9.10 19.19 -7.02
CA SER B 50 -10.12 18.33 -6.43
C SER B 50 -10.99 19.10 -5.40
N PRO B 51 -12.29 18.72 -5.25
CA PRO B 51 -13.18 19.27 -4.22
C PRO B 51 -12.56 19.28 -2.85
N VAL B 52 -11.89 18.20 -2.44
CA VAL B 52 -11.34 18.13 -1.10
C VAL B 52 -10.15 19.08 -0.93
N THR B 53 -9.28 19.17 -1.93
CA THR B 53 -8.12 20.08 -1.86
C THR B 53 -8.61 21.51 -1.81
N ILE B 54 -9.61 21.87 -2.64
CA ILE B 54 -10.15 23.24 -2.65
C ILE B 54 -10.83 23.52 -1.30
N ALA B 55 -11.65 22.58 -0.80
CA ALA B 55 -12.37 22.80 0.43
C ALA B 55 -11.36 22.98 1.58
N ASP B 56 -10.37 22.13 1.62
CA ASP B 56 -9.36 22.16 2.71
C ASP B 56 -8.66 23.54 2.69
N GLN B 57 -8.20 23.94 1.51
CA GLN B 57 -7.43 25.24 1.41
C GLN B 57 -8.31 26.40 1.71
N SER B 58 -9.54 26.41 1.18
CA SER B 58 -10.42 27.53 1.40
C SER B 58 -10.85 27.61 2.88
N ALA B 59 -11.08 26.48 3.49
CA ALA B 59 -11.50 26.45 4.90
C ALA B 59 -10.33 26.93 5.78
N GLU B 60 -9.14 26.52 5.46
CA GLU B 60 -7.97 27.03 6.21
C GLU B 60 -7.83 28.54 6.04
N GLU B 61 -7.99 29.05 4.81
CA GLU B 61 -7.97 30.50 4.57
C GLU B 61 -8.95 31.20 5.43
N ALA B 62 -10.18 30.69 5.46
CA ALA B 62 -11.27 31.32 6.21
C ALA B 62 -10.90 31.38 7.65
N MET B 63 -10.40 30.29 8.20
CA MET B 63 -10.02 30.28 9.62
C MET B 63 -8.87 31.27 9.92
N VAL B 64 -7.86 31.19 9.13
CA VAL B 64 -6.68 32.08 9.33
C VAL B 64 -7.09 33.54 9.26
N SER B 65 -7.98 33.90 8.33
CA SER B 65 -8.38 35.26 8.19
C SER B 65 -9.05 35.74 9.46
N VAL B 66 -9.96 34.97 10.03
CA VAL B 66 -10.63 35.36 11.29
C VAL B 66 -9.55 35.46 12.41
N ILE B 67 -8.72 34.48 12.52
CA ILE B 67 -7.73 34.45 13.61
C ILE B 67 -6.85 35.69 13.55
N LEU B 68 -6.27 35.96 12.39
CA LEU B 68 -5.30 37.09 12.30
C LEU B 68 -5.93 38.40 12.26
N ASP B 69 -7.19 38.53 11.84
CA ASP B 69 -7.89 39.81 11.92
C ASP B 69 -7.97 40.21 13.40
N ASN B 70 -8.24 39.24 14.26
CA ASN B 70 -8.43 39.47 15.71
C ASN B 70 -7.08 39.50 16.47
N PHE B 71 -6.10 38.72 16.02
CA PHE B 71 -4.83 38.54 16.78
C PHE B 71 -3.66 38.59 15.83
N PRO B 72 -3.33 39.83 15.34
CA PRO B 72 -2.19 39.91 14.41
C PRO B 72 -0.80 39.51 14.95
N SER B 73 -0.69 39.43 16.28
CA SER B 73 0.54 38.98 16.91
C SER B 73 0.64 37.46 17.04
N HIS B 74 -0.42 36.71 16.66
CA HIS B 74 -0.39 35.27 16.77
C HIS B 74 0.18 34.62 15.49
N ALA B 75 0.60 33.41 15.64
CA ALA B 75 1.03 32.56 14.53
C ALA B 75 -0.07 31.55 14.22
N VAL B 76 0.00 31.02 12.98
CA VAL B 76 -0.87 29.90 12.57
C VAL B 76 0.02 28.83 12.02
N TYR B 77 -0.46 27.61 12.09
CA TYR B 77 0.30 26.48 11.64
C TYR B 77 -0.67 25.44 11.06
N GLY B 78 -0.39 25.02 9.85
CA GLY B 78 -1.15 23.95 9.17
C GLY B 78 -0.20 23.06 8.36
N GLU B 79 -0.70 21.92 7.91
CA GLU B 79 0.09 20.97 7.15
C GLU B 79 0.65 21.56 5.86
N GLU B 80 -0.17 22.30 5.11
CA GLU B 80 0.21 22.71 3.78
C GLU B 80 1.35 23.74 3.80
N LYS B 81 1.20 24.72 4.68
CA LYS B 81 2.13 25.90 4.72
C LYS B 81 3.02 25.97 5.90
N GLY B 82 2.88 25.09 6.87
CA GLY B 82 3.69 25.12 8.04
C GLY B 82 3.45 26.40 8.83
N TRP B 83 4.52 26.80 9.54
CA TRP B 83 4.44 28.00 10.37
C TRP B 83 4.25 29.26 9.52
N ARG B 84 3.32 30.12 9.91
CA ARG B 84 3.20 31.46 9.35
C ARG B 84 2.89 32.43 10.47
N CYS B 85 3.55 33.59 10.41
CA CYS B 85 3.31 34.67 11.37
C CYS B 85 3.89 35.93 10.73
N LYS B 86 3.25 37.06 11.00
CA LYS B 86 3.68 38.40 10.54
C LYS B 86 5.02 38.80 11.19
N GLN B 87 5.27 38.25 12.37
CA GLN B 87 6.49 38.40 13.12
C GLN B 87 7.33 37.17 13.13
N ASP B 88 8.54 37.30 13.62
CA ASP B 88 9.52 36.23 13.75
C ASP B 88 9.24 35.15 14.77
N SER B 89 8.39 35.44 15.72
CA SER B 89 8.10 34.57 16.86
C SER B 89 6.72 34.92 17.37
N ALA B 90 6.13 34.02 18.17
CA ALA B 90 4.80 34.29 18.73
C ALA B 90 4.67 33.46 20.02
N ASP B 91 4.01 34.00 21.03
CA ASP B 91 3.64 33.29 22.22
C ASP B 91 2.39 32.39 22.02
N TYR B 92 1.53 32.81 21.10
CA TYR B 92 0.29 32.08 20.83
C TYR B 92 0.32 31.58 19.39
N VAL B 93 0.03 30.30 19.25
CA VAL B 93 0.08 29.66 17.90
C VAL B 93 -1.22 28.82 17.77
N TRP B 94 -1.89 29.04 16.65
CA TRP B 94 -3.11 28.27 16.32
C TRP B 94 -2.69 27.16 15.35
N VAL B 95 -2.93 25.93 15.75
CA VAL B 95 -2.58 24.74 14.97
C VAL B 95 -3.89 24.13 14.46
N LEU B 96 -3.98 24.08 13.11
CA LEU B 96 -5.29 23.79 12.46
C LEU B 96 -5.19 22.56 11.57
N ASP B 97 -6.35 21.90 11.51
CA ASP B 97 -6.60 20.93 10.39
C ASP B 97 -8.05 21.15 9.93
N PRO B 98 -8.21 21.77 8.74
CA PRO B 98 -9.59 22.03 8.32
C PRO B 98 -10.44 20.78 8.07
N ILE B 99 -9.80 19.71 7.61
CA ILE B 99 -10.51 18.46 7.36
C ILE B 99 -9.63 17.29 7.83
N ASP B 100 -9.84 16.91 9.10
CA ASP B 100 -9.26 15.70 9.66
C ASP B 100 -10.20 14.55 9.30
N GLY B 101 -9.76 13.75 8.38
CA GLY B 101 -10.61 12.67 7.79
C GLY B 101 -10.94 12.95 6.33
N THR B 102 -9.95 13.19 5.52
CA THR B 102 -10.21 13.53 4.11
C THR B 102 -10.87 12.34 3.41
N LYS B 103 -10.53 11.11 3.75
CA LYS B 103 -11.16 9.94 3.06
C LYS B 103 -12.64 9.89 3.39
N SER B 104 -13.07 10.19 4.63
CA SER B 104 -14.47 10.27 4.96
C SER B 104 -15.12 11.40 4.17
N PHE B 105 -14.51 12.57 4.12
CA PHE B 105 -15.07 13.67 3.37
C PHE B 105 -15.32 13.26 1.88
N ILE B 106 -14.30 12.68 1.28
CA ILE B 106 -14.38 12.36 -0.21
C ILE B 106 -15.48 11.32 -0.45
N THR B 107 -15.72 10.41 0.47
CA THR B 107 -16.73 9.37 0.30
C THR B 107 -18.09 9.76 0.89
N GLY B 108 -18.27 11.03 1.21
CA GLY B 108 -19.53 11.51 1.70
C GLY B 108 -20.03 11.12 3.08
N MLZ B 109 -19.11 10.70 3.95
CA MLZ B 109 -19.43 10.29 5.30
CB MLZ B 109 -18.59 9.09 5.65
CG MLZ B 109 -18.96 8.56 7.01
CD MLZ B 109 -18.26 7.26 7.39
CE MLZ B 109 -18.92 6.05 6.67
NZ MLZ B 109 -18.29 4.85 7.10
CM MLZ B 109 -18.82 3.68 6.39
C MLZ B 109 -19.16 11.47 6.24
O MLZ B 109 -18.03 11.90 6.31
N PRO B 110 -20.13 11.90 6.99
CA PRO B 110 -19.99 13.18 7.76
C PRO B 110 -19.36 12.97 9.18
N LEU B 111 -18.27 12.25 9.20
CA LEU B 111 -17.52 11.94 10.43
C LEU B 111 -16.06 12.41 10.39
N PHE B 112 -15.73 13.22 9.41
CA PHE B 112 -14.51 14.00 9.47
C PHE B 112 -14.73 15.17 10.46
N GLY B 113 -13.67 15.92 10.82
CA GLY B 113 -13.90 17.13 11.61
C GLY B 113 -12.86 18.17 11.31
N THR B 114 -13.23 19.38 11.70
CA THR B 114 -12.30 20.47 11.72
C THR B 114 -11.70 20.56 13.15
N LEU B 115 -10.38 20.68 13.16
CA LEU B 115 -9.63 20.77 14.45
C LEU B 115 -8.93 22.13 14.52
N ILE B 116 -9.14 22.75 15.70
CA ILE B 116 -8.48 24.04 16.00
C ILE B 116 -7.88 23.86 17.40
N ALA B 117 -6.59 24.14 17.49
CA ALA B 117 -5.90 24.18 18.80
C ALA B 117 -5.22 25.55 18.93
N LEU B 118 -5.32 26.12 20.13
CA LEU B 118 -4.53 27.33 20.44
C LEU B 118 -3.53 26.93 21.52
N LEU B 119 -2.27 27.18 21.21
CA LEU B 119 -1.17 26.86 22.11
C LEU B 119 -0.54 28.15 22.65
N GLN B 120 -0.37 28.18 23.96
CA GLN B 120 0.35 29.30 24.65
C GLN B 120 1.67 28.71 25.10
N ASN B 121 2.76 29.23 24.59
CA ASN B 121 4.07 28.75 24.92
C ASN B 121 4.19 27.24 24.77
N GLY B 122 3.57 26.74 23.69
CA GLY B 122 3.67 25.33 23.34
C GLY B 122 2.63 24.46 24.00
N THR B 123 1.77 24.97 24.88
CA THR B 123 0.82 24.17 25.63
C THR B 123 -0.59 24.46 25.10
N PRO B 124 -1.37 23.42 24.72
CA PRO B 124 -2.74 23.68 24.25
C PRO B 124 -3.59 24.25 25.34
N ILE B 125 -4.26 25.35 25.14
CA ILE B 125 -5.14 25.95 26.11
C ILE B 125 -6.62 25.93 25.65
N LEU B 126 -6.83 25.64 24.36
CA LEU B 126 -8.18 25.54 23.78
C LEU B 126 -8.08 24.57 22.62
N GLY B 127 -9.15 23.76 22.53
CA GLY B 127 -9.28 22.82 21.35
C GLY B 127 -10.74 22.72 20.98
N ILE B 128 -10.95 22.73 19.64
CA ILE B 128 -12.28 22.48 19.07
C ILE B 128 -12.21 21.29 18.15
N ILE B 129 -13.23 20.42 18.32
CA ILE B 129 -13.54 19.37 17.29
C ILE B 129 -14.91 19.77 16.73
N ASP B 130 -14.96 20.14 15.47
CA ASP B 130 -16.19 20.63 14.85
C ASP B 130 -16.62 19.69 13.70
N GLN B 131 -17.87 19.26 13.76
CA GLN B 131 -18.49 18.45 12.64
C GLN B 131 -19.52 19.37 12.00
N PRO B 132 -19.16 20.06 10.90
CA PRO B 132 -20.00 21.14 10.38
C PRO B 132 -21.28 20.65 9.71
N VAL B 133 -21.28 19.38 9.29
CA VAL B 133 -22.49 18.82 8.65
C VAL B 133 -23.50 18.43 9.67
N LEU B 134 -23.03 17.69 10.71
CA LEU B 134 -23.85 17.24 11.78
C LEU B 134 -24.20 18.39 12.79
N LYS B 135 -23.44 19.49 12.71
CA LYS B 135 -23.59 20.67 13.58
C LYS B 135 -23.36 20.23 15.04
N GLU B 136 -22.18 19.66 15.21
CA GLU B 136 -21.73 19.22 16.56
C GLU B 136 -20.34 19.83 16.78
N ARG B 137 -20.25 20.54 17.89
CA ARG B 137 -19.00 21.19 18.25
C ARG B 137 -18.59 20.92 19.70
N TRP B 138 -17.48 20.23 19.84
CA TRP B 138 -16.89 20.01 21.19
C TRP B 138 -15.82 21.09 21.38
N ILE B 139 -15.88 21.76 22.56
CA ILE B 139 -14.92 22.78 22.88
C ILE B 139 -14.32 22.42 24.26
N GLY B 140 -12.97 22.37 24.25
CA GLY B 140 -12.19 22.25 25.49
C GLY B 140 -11.41 23.52 25.71
N ILE B 141 -11.51 24.00 26.97
CA ILE B 141 -10.79 25.24 27.34
C ILE B 141 -10.20 24.95 28.68
N THR B 142 -8.90 25.29 28.82
CA THR B 142 -8.26 25.02 30.12
CA THR B 142 -8.24 25.08 30.12
C THR B 142 -8.98 25.83 31.21
N GLY B 143 -9.34 25.14 32.28
CA GLY B 143 -10.08 25.72 33.38
C GLY B 143 -11.56 25.38 33.41
N LYS B 144 -12.14 24.96 32.27
CA LYS B 144 -13.57 24.73 32.13
C LYS B 144 -13.83 23.26 31.76
N ARG B 145 -15.00 22.80 32.12
CA ARG B 145 -15.45 21.49 31.62
C ARG B 145 -15.75 21.61 30.10
N THR B 146 -15.38 20.54 29.37
CA THR B 146 -15.67 20.44 27.95
C THR B 146 -17.17 20.47 27.70
N THR B 147 -17.52 21.12 26.58
CA THR B 147 -18.90 21.19 26.17
C THR B 147 -19.08 20.68 24.72
N LEU B 148 -20.33 20.17 24.50
CA LEU B 148 -20.82 19.80 23.13
C LEU B 148 -21.99 20.70 22.90
N ASN B 149 -21.91 21.56 21.89
CA ASN B 149 -23.00 22.52 21.61
C ASN B 149 -23.50 23.24 22.88
N GLY B 150 -22.49 23.62 23.69
CA GLY B 150 -22.78 24.46 24.89
C GLY B 150 -23.16 23.70 26.13
N GLN B 151 -23.31 22.37 26.05
CA GLN B 151 -23.69 21.57 27.21
C GLN B 151 -22.49 20.77 27.69
N GLU B 152 -22.26 20.79 29.02
CA GLU B 152 -21.15 20.04 29.58
C GLU B 152 -21.25 18.56 29.34
N VAL B 153 -20.13 17.97 29.03
CA VAL B 153 -19.99 16.57 28.83
C VAL B 153 -19.03 15.93 29.81
N SER B 154 -19.02 14.62 29.90
CA SER B 154 -18.12 13.88 30.74
C SER B 154 -17.77 12.54 30.14
N THR B 155 -16.56 12.04 30.33
CA THR B 155 -16.25 10.66 30.09
C THR B 155 -16.95 9.78 31.10
N ARG B 156 -17.01 8.49 30.77
CA ARG B 156 -17.62 7.51 31.67
C ARG B 156 -16.59 6.69 32.42
N THR B 157 -16.98 6.19 33.56
CA THR B 157 -16.16 5.27 34.31
C THR B 157 -16.23 3.90 33.63
N CYS B 158 -15.19 3.12 33.80
CA CYS B 158 -15.19 1.79 33.21
C CYS B 158 -14.33 0.92 34.12
N ALA B 159 -14.92 -0.24 34.51
CA ALA B 159 -14.40 -1.05 35.61
C ALA B 159 -13.12 -1.80 35.27
N ASP B 160 -12.92 -2.16 34.02
CA ASP B 160 -11.86 -3.06 33.58
C ASP B 160 -11.76 -3.04 32.08
N LEU B 161 -10.55 -3.25 31.56
CA LEU B 161 -10.35 -3.27 30.11
C LEU B 161 -11.21 -4.30 29.38
N SER B 162 -11.54 -5.42 30.06
CA SER B 162 -12.40 -6.44 29.51
C SER B 162 -13.81 -5.97 29.26
N GLN B 163 -14.22 -4.83 29.84
CA GLN B 163 -15.55 -4.27 29.65
C GLN B 163 -15.56 -3.10 28.64
N ALA B 164 -14.40 -2.75 28.12
CA ALA B 164 -14.23 -1.48 27.41
C ALA B 164 -14.72 -1.56 25.96
N TYR B 165 -15.24 -0.45 25.50
CA TYR B 165 -15.55 -0.19 24.11
C TYR B 165 -14.36 0.61 23.54
N LEU B 166 -13.76 0.12 22.46
CA LEU B 166 -12.50 0.59 21.91
C LEU B 166 -12.65 0.97 20.45
N TYR B 167 -12.04 2.08 20.05
CA TYR B 167 -11.79 2.41 18.66
C TYR B 167 -10.33 2.25 18.36
N THR B 168 -9.96 1.57 17.28
CA THR B 168 -8.62 1.57 16.76
C THR B 168 -8.70 1.85 15.26
N THR B 169 -7.62 2.30 14.68
CA THR B 169 -7.49 2.56 13.25
CA THR B 169 -7.53 2.44 13.23
C THR B 169 -6.25 1.84 12.76
N SER B 170 -6.18 1.50 11.47
CA SER B 170 -4.97 0.88 10.98
CA SER B 170 -4.98 0.93 10.91
C SER B 170 -3.79 1.92 11.11
N PRO B 171 -2.59 1.39 11.32
CA PRO B 171 -1.42 2.27 11.49
C PRO B 171 -1.19 3.16 10.30
N HIS B 172 -1.07 4.48 10.53
CA HIS B 172 -0.98 5.43 9.44
C HIS B 172 0.33 5.32 8.66
N LEU B 173 1.38 4.87 9.35
CA LEU B 173 2.68 4.65 8.67
C LEU B 173 2.99 3.14 8.55
N PHE B 174 1.93 2.33 8.64
CA PHE B 174 2.04 0.92 8.26
C PHE B 174 2.99 0.13 9.12
N SER B 175 3.16 0.57 10.38
CA SER B 175 4.10 -0.11 11.27
C SER B 175 3.60 -1.49 11.71
N GLY B 176 4.42 -2.49 11.40
CA GLY B 176 4.12 -3.85 11.85
C GLY B 176 4.12 -4.03 13.36
N ASP B 177 5.04 -3.31 14.04
CA ASP B 177 5.07 -3.35 15.50
C ASP B 177 3.77 -2.72 16.08
N ALA B 178 3.30 -1.63 15.44
CA ALA B 178 2.06 -1.01 15.88
C ALA B 178 0.89 -2.03 15.71
N GLU B 179 0.84 -2.70 14.54
CA GLU B 179 -0.23 -3.66 14.32
C GLU B 179 -0.23 -4.78 15.36
N GLU B 180 0.94 -5.25 15.75
CA GLU B 180 1.02 -6.25 16.82
C GLU B 180 0.43 -5.76 18.14
N ALA B 181 0.69 -4.49 18.42
CA ALA B 181 0.15 -3.83 19.64
C ALA B 181 -1.35 -3.66 19.53
N PHE B 182 -1.84 -3.25 18.35
CA PHE B 182 -3.28 -3.19 18.15
C PHE B 182 -3.98 -4.52 18.39
N ILE B 183 -3.37 -5.59 17.90
CA ILE B 183 -3.94 -6.90 18.11
C ILE B 183 -4.05 -7.23 19.59
N ARG B 184 -3.00 -6.96 20.35
CA ARG B 184 -3.01 -7.20 21.79
C ARG B 184 -4.14 -6.44 22.50
N VAL B 185 -4.28 -5.15 22.21
CA VAL B 185 -5.28 -4.37 22.91
C VAL B 185 -6.72 -4.82 22.47
N ARG B 186 -6.92 -5.02 21.17
CA ARG B 186 -8.26 -5.43 20.68
C ARG B 186 -8.70 -6.72 21.31
N ASP B 187 -7.75 -7.60 21.61
CA ASP B 187 -8.10 -8.92 22.17
C ASP B 187 -8.49 -8.90 23.61
N LYS B 188 -8.22 -7.78 24.29
CA LYS B 188 -8.53 -7.62 25.71
C LYS B 188 -9.83 -6.93 26.03
N VAL B 189 -10.38 -6.20 25.06
CA VAL B 189 -11.53 -5.36 25.32
C VAL B 189 -12.86 -6.10 25.06
N LYS B 190 -13.97 -5.47 25.42
CA LYS B 190 -15.28 -6.05 25.17
C LYS B 190 -15.73 -5.92 23.75
N ILE B 191 -15.68 -4.70 23.24
CA ILE B 191 -16.17 -4.34 21.91
C ILE B 191 -15.08 -3.55 21.19
N PRO B 192 -14.31 -4.21 20.27
CA PRO B 192 -13.36 -3.50 19.39
C PRO B 192 -14.02 -2.98 18.13
N LEU B 193 -13.98 -1.72 17.83
CA LEU B 193 -14.59 -1.10 16.65
C LEU B 193 -13.55 -0.31 15.91
N TYR B 194 -13.83 -0.04 14.65
CA TYR B 194 -12.93 0.74 13.82
C TYR B 194 -13.19 2.23 14.07
N GLY B 195 -12.12 3.00 14.16
CA GLY B 195 -12.20 4.43 14.45
C GLY B 195 -12.63 5.29 13.31
N CYS B 196 -12.59 6.59 13.51
CA CYS B 196 -13.21 7.58 12.65
C CYS B 196 -12.56 8.95 12.92
N ASP B 197 -11.25 8.99 12.76
CA ASP B 197 -10.51 10.27 12.92
C ASP B 197 -10.85 10.91 14.28
N CYS B 198 -10.96 12.23 14.24
CA CYS B 198 -11.25 12.92 15.47
C CYS B 198 -12.58 12.62 16.09
N TYR B 199 -13.57 12.11 15.30
CA TYR B 199 -14.88 11.90 15.79
C TYR B 199 -14.84 10.79 16.92
N ALA B 200 -13.90 9.84 16.80
CA ALA B 200 -13.80 8.83 17.83
C ALA B 200 -13.54 9.43 19.24
N TYR B 201 -12.66 10.48 19.22
CA TYR B 201 -12.28 11.14 20.47
C TYR B 201 -13.36 11.98 21.01
N ALA B 202 -14.17 12.56 20.07
CA ALA B 202 -15.37 13.29 20.47
C ALA B 202 -16.36 12.39 21.24
N LEU B 203 -16.57 11.19 20.69
CA LEU B 203 -17.45 10.25 21.31
C LEU B 203 -16.93 9.77 22.69
N LEU B 204 -15.59 9.63 22.76
CA LEU B 204 -14.94 9.30 24.03
CA LEU B 204 -14.95 9.30 24.04
C LEU B 204 -15.24 10.40 25.09
N SER B 205 -15.06 11.64 24.63
CA SER B 205 -15.24 12.82 25.51
C SER B 205 -16.66 12.96 25.99
N SER B 206 -17.66 12.48 25.21
CA SER B 206 -19.03 12.46 25.60
C SER B 206 -19.44 11.21 26.38
N GLY B 207 -18.53 10.29 26.57
CA GLY B 207 -18.76 9.13 27.40
C GLY B 207 -19.43 7.94 26.73
N PHE B 208 -19.29 7.85 25.40
CA PHE B 208 -19.90 6.72 24.67
C PHE B 208 -18.96 5.62 24.35
N VAL B 209 -17.66 5.83 24.46
CA VAL B 209 -16.69 4.81 24.34
C VAL B 209 -15.59 5.03 25.39
N ASP B 210 -14.76 4.00 25.62
CA ASP B 210 -13.78 4.02 26.72
C ASP B 210 -12.39 4.27 26.29
N LEU B 211 -11.99 3.91 25.09
CA LEU B 211 -10.60 3.88 24.70
C LEU B 211 -10.45 4.16 23.20
N VAL B 212 -9.50 4.97 22.82
CA VAL B 212 -9.17 5.23 21.41
C VAL B 212 -7.69 5.09 21.27
N VAL B 213 -7.22 4.30 20.32
CA VAL B 213 -5.81 4.08 20.09
C VAL B 213 -5.51 4.26 18.64
N GLU B 214 -4.51 5.07 18.31
N GLU B 214 -4.46 5.03 18.31
CA GLU B 214 -4.09 5.29 16.94
CA GLU B 214 -4.12 5.37 16.95
C GLU B 214 -2.60 5.45 16.85
C GLU B 214 -2.59 5.51 16.84
N SER B 215 -2.06 5.14 15.69
CA SER B 215 -0.62 5.23 15.42
CA SER B 215 -0.62 5.28 15.46
C SER B 215 -0.35 6.10 14.20
N GLY B 216 0.61 7.00 14.26
CA GLY B 216 1.06 7.78 13.16
C GLY B 216 0.33 9.02 12.86
N LEU B 217 -0.12 9.70 13.91
CA LEU B 217 -0.78 11.00 13.83
C LEU B 217 0.15 12.17 13.90
N LYS B 218 -0.06 13.17 13.09
CA LYS B 218 0.71 14.43 13.15
C LYS B 218 0.07 15.36 14.14
N PRO B 219 0.80 16.35 14.62
CA PRO B 219 0.29 17.23 15.67
C PRO B 219 -0.99 18.00 15.35
N TYR B 220 -1.19 18.39 14.11
CA TYR B 220 -2.41 19.11 13.80
C TYR B 220 -3.67 18.23 13.96
N ASP B 221 -3.47 16.93 14.04
CA ASP B 221 -4.56 15.99 14.27
C ASP B 221 -4.71 15.46 15.70
N PHE B 222 -3.85 15.93 16.62
CA PHE B 222 -4.06 15.55 18.02
C PHE B 222 -4.05 16.71 19.04
N LEU B 223 -3.42 17.85 18.71
CA LEU B 223 -3.36 18.88 19.74
C LEU B 223 -4.70 19.37 20.23
N ALA B 224 -5.65 19.56 19.29
CA ALA B 224 -6.94 20.02 19.65
C ALA B 224 -7.67 19.05 20.55
N LEU B 225 -7.36 17.76 20.42
CA LEU B 225 -8.00 16.72 21.20
C LEU B 225 -7.72 16.84 22.69
N ILE B 226 -6.53 17.42 23.04
CA ILE B 226 -6.06 17.32 24.41
C ILE B 226 -6.98 18.11 25.39
N PRO B 227 -7.23 19.41 25.12
CA PRO B 227 -8.13 20.11 26.07
C PRO B 227 -9.53 19.50 26.09
N VAL B 228 -9.98 19.02 24.91
CA VAL B 228 -11.32 18.42 24.84
C VAL B 228 -11.39 17.17 25.77
N ILE B 229 -10.48 16.26 25.59
CA ILE B 229 -10.51 15.01 26.36
C ILE B 229 -10.25 15.26 27.87
N GLU B 230 -9.20 16.06 28.14
CA GLU B 230 -8.84 16.27 29.55
C GLU B 230 -9.95 17.01 30.27
N GLY B 231 -10.56 18.00 29.58
CA GLY B 231 -11.64 18.74 30.18
C GLY B 231 -12.97 18.01 30.35
N SER B 232 -13.04 16.82 29.74
CA SER B 232 -14.15 15.95 29.96
C SER B 232 -13.92 14.94 31.07
N GLY B 233 -12.72 14.93 31.65
CA GLY B 233 -12.38 13.96 32.62
C GLY B 233 -11.51 12.77 32.18
N GLY B 234 -11.10 12.78 30.93
CA GLY B 234 -10.31 11.73 30.37
C GLY B 234 -8.81 11.93 30.42
N VAL B 235 -8.06 11.05 29.80
CA VAL B 235 -6.65 11.09 29.74
CA VAL B 235 -6.64 10.99 29.79
C VAL B 235 -6.17 10.77 28.34
N ILE B 236 -5.15 11.42 27.88
CA ILE B 236 -4.58 11.19 26.54
C ILE B 236 -3.08 11.32 26.62
N THR B 237 -2.33 10.33 26.13
CA THR B 237 -0.91 10.29 26.18
C THR B 237 -0.32 9.61 24.98
N ASP B 238 0.95 9.50 24.82
CA ASP B 238 1.57 8.63 23.88
C ASP B 238 1.49 7.20 24.41
N TRP B 239 2.00 6.26 23.60
CA TRP B 239 1.87 4.83 23.97
C TRP B 239 2.71 4.38 25.13
N LYS B 240 3.70 5.19 25.53
CA LYS B 240 4.49 4.94 26.75
C LYS B 240 3.83 5.59 27.95
N GLY B 241 2.72 6.33 27.83
CA GLY B 241 2.07 7.01 28.93
C GLY B 241 2.61 8.42 29.13
N HIS B 242 3.46 8.88 28.24
CA HIS B 242 4.08 10.20 28.42
C HIS B 242 3.23 11.31 27.77
N GLN B 243 3.36 12.52 28.27
CA GLN B 243 2.65 13.68 27.81
C GLN B 243 2.82 13.82 26.31
N LEU B 244 1.73 14.08 25.58
CA LEU B 244 1.83 14.46 24.19
C LEU B 244 2.11 15.91 24.12
N ARG B 245 3.24 16.25 23.54
CA ARG B 245 3.58 17.61 23.41
C ARG B 245 4.30 17.87 22.12
N TRP B 246 3.98 19.03 21.55
CA TRP B 246 4.60 19.47 20.32
C TRP B 246 4.51 20.98 20.24
N GLU B 247 5.65 21.58 20.34
CA GLU B 247 5.71 23.02 20.32
C GLU B 247 5.82 23.43 18.81
N ALA B 248 4.85 24.11 18.38
CA ALA B 248 4.83 24.68 17.07
C ALA B 248 5.71 25.94 17.11
N SER B 249 6.60 26.04 16.12
CA SER B 249 7.57 27.13 16.06
C SER B 249 8.04 27.29 14.64
N PRO B 250 8.83 28.31 14.38
CA PRO B 250 9.41 28.44 13.04
C PRO B 250 10.20 27.25 12.57
N LEU B 251 10.82 26.51 13.52
CA LEU B 251 11.72 25.41 13.16
C LEU B 251 11.20 24.02 13.55
N SER B 252 10.00 23.95 14.14
CA SER B 252 9.45 22.67 14.52
C SER B 252 9.22 21.79 13.30
N ILE B 253 9.36 20.50 13.50
CA ILE B 253 9.13 19.48 12.47
C ILE B 253 7.86 18.70 12.86
N ALA B 254 6.86 18.64 11.98
CA ALA B 254 5.61 17.90 12.25
C ALA B 254 5.79 16.39 12.10
N THR B 255 6.30 15.79 13.14
CA THR B 255 6.61 14.38 13.18
C THR B 255 5.32 13.62 13.53
N SER B 256 5.40 12.32 13.49
CA SER B 256 4.29 11.46 13.74
C SER B 256 4.34 10.83 15.15
N PHE B 257 3.16 10.67 15.76
CA PHE B 257 3.01 10.25 17.13
C PHE B 257 2.03 9.10 17.22
N ASN B 258 2.15 8.31 18.30
CA ASN B 258 1.19 7.33 18.65
C ASN B 258 0.38 7.85 19.85
N VAL B 259 -0.93 7.67 19.84
CA VAL B 259 -1.86 8.27 20.79
C VAL B 259 -2.72 7.22 21.43
N VAL B 260 -2.94 7.29 22.73
CA VAL B 260 -3.91 6.51 23.42
C VAL B 260 -4.72 7.42 24.35
N ALA B 261 -6.02 7.42 24.19
CA ALA B 261 -6.96 8.21 25.00
C ALA B 261 -7.95 7.31 25.68
N ALA B 262 -8.26 7.62 26.94
CA ALA B 262 -9.22 6.84 27.70
C ALA B 262 -10.13 7.71 28.49
N GLY B 263 -11.32 7.25 28.74
CA GLY B 263 -12.24 7.91 29.62
C GLY B 263 -11.91 7.84 31.09
N ASP B 264 -11.19 6.80 31.47
CA ASP B 264 -10.93 6.46 32.86
C ASP B 264 -9.44 6.14 33.00
N LYS B 265 -8.76 6.76 33.99
CA LYS B 265 -7.31 6.48 34.25
C LYS B 265 -6.94 5.01 34.46
N GLN B 266 -7.83 4.23 35.09
CA GLN B 266 -7.52 2.79 35.32
C GLN B 266 -7.47 2.00 34.01
N ILE B 267 -8.42 2.27 33.15
CA ILE B 267 -8.44 1.63 31.81
C ILE B 267 -7.21 2.05 31.01
N HIS B 268 -6.92 3.35 31.04
CA HIS B 268 -5.69 3.87 30.41
C HIS B 268 -4.42 3.10 30.77
N GLN B 269 -4.20 2.84 32.06
CA GLN B 269 -3.03 2.09 32.50
C GLN B 269 -3.04 0.64 32.01
N GLN B 270 -4.21 0.00 32.03
CA GLN B 270 -4.27 -1.36 31.47
C GLN B 270 -3.99 -1.36 29.98
N ALA B 271 -4.46 -0.33 29.26
CA ALA B 271 -4.16 -0.23 27.85
C ALA B 271 -2.69 -0.10 27.63
N LEU B 272 -2.01 0.77 28.42
CA LEU B 272 -0.57 0.90 28.26
C LEU B 272 0.12 -0.49 28.46
N ASP B 273 -0.36 -1.25 29.44
CA ASP B 273 0.24 -2.56 29.72
C ASP B 273 0.09 -3.52 28.52
N SER B 274 -1.02 -3.44 27.78
CA SER B 274 -1.25 -4.30 26.64
C SER B 274 -0.43 -3.82 25.42
N LEU B 275 -0.25 -2.49 25.26
CA LEU B 275 0.55 -1.98 24.16
C LEU B 275 2.01 -2.37 24.25
N GLN B 276 2.50 -2.51 25.49
CA GLN B 276 3.90 -3.00 25.73
C GLN B 276 4.91 -2.15 24.95
N TRP B 277 4.70 -0.84 24.94
CA TRP B 277 5.54 0.09 24.17
C TRP B 277 6.81 0.55 24.87
N GLN C 13 -3.38 -35.13 -18.12
CA GLN C 13 -2.10 -34.93 -18.87
C GLN C 13 -1.50 -33.51 -18.71
N LEU C 14 -2.27 -32.47 -18.96
CA LEU C 14 -1.69 -31.11 -19.02
C LEU C 14 -1.34 -30.60 -17.61
N ASN C 15 -2.21 -30.93 -16.66
CA ASN C 15 -1.90 -30.72 -15.25
C ASN C 15 -0.70 -31.56 -14.82
N HIS C 16 -0.53 -32.75 -15.36
CA HIS C 16 0.64 -33.58 -15.09
C HIS C 16 1.91 -32.89 -15.58
N PHE C 17 1.91 -32.34 -16.79
CA PHE C 17 3.04 -31.58 -17.24
C PHE C 17 3.40 -30.42 -16.33
N SER C 18 2.41 -29.66 -15.86
CA SER C 18 2.68 -28.49 -14.99
C SER C 18 3.22 -29.01 -13.61
N ASP C 19 2.68 -30.09 -13.09
CA ASP C 19 3.17 -30.59 -11.79
C ASP C 19 4.61 -31.03 -11.92
N VAL C 20 4.98 -31.69 -13.03
CA VAL C 20 6.35 -32.10 -13.23
C VAL C 20 7.28 -30.94 -13.46
N ALA C 21 6.85 -30.00 -14.27
CA ALA C 21 7.61 -28.80 -14.50
C ALA C 21 7.95 -28.07 -13.18
N ASN C 22 6.97 -27.96 -12.30
CA ASN C 22 7.23 -27.38 -11.00
C ASN C 22 8.20 -28.21 -10.17
N LYS C 23 8.10 -29.52 -10.20
CA LYS C 23 9.08 -30.40 -9.49
C LYS C 23 10.48 -30.19 -10.06
N ALA C 24 10.58 -30.03 -11.37
CA ALA C 24 11.89 -29.78 -12.00
C ALA C 24 12.43 -28.45 -11.49
N ALA C 25 11.60 -27.42 -11.52
CA ALA C 25 12.05 -26.09 -11.10
C ALA C 25 12.46 -26.15 -9.59
N ASN C 26 11.73 -26.87 -8.77
CA ASN C 26 12.08 -27.01 -7.37
C ASN C 26 13.44 -27.67 -7.25
N ALA C 27 13.69 -28.74 -8.00
CA ALA C 27 14.99 -29.45 -7.93
C ALA C 27 16.15 -28.52 -8.34
N ALA C 28 15.94 -27.76 -9.41
CA ALA C 28 16.95 -26.79 -9.85
C ALA C 28 17.22 -25.74 -8.74
N GLY C 29 16.17 -25.25 -8.07
CA GLY C 29 16.29 -24.18 -7.12
C GLY C 29 17.09 -24.71 -5.92
N ASP C 30 16.89 -25.97 -5.56
CA ASP C 30 17.62 -26.50 -4.39
C ASP C 30 19.09 -26.59 -4.70
N VAL C 31 19.48 -26.97 -5.91
CA VAL C 31 20.87 -26.97 -6.34
C VAL C 31 21.42 -25.57 -6.34
N ILE C 32 20.76 -24.68 -7.01
CA ILE C 32 21.22 -23.33 -7.14
C ILE C 32 21.50 -22.62 -5.81
N ARG C 33 20.60 -22.75 -4.87
CA ARG C 33 20.74 -22.13 -3.56
C ARG C 33 21.96 -22.68 -2.81
N LYS C 34 22.41 -23.86 -3.16
CA LYS C 34 23.60 -24.43 -2.49
C LYS C 34 24.90 -23.67 -2.90
N TYR C 35 24.87 -23.03 -4.10
CA TYR C 35 26.08 -22.43 -4.71
C TYR C 35 26.01 -20.96 -4.77
N PHE C 36 24.80 -20.38 -4.77
CA PHE C 36 24.69 -18.93 -4.92
C PHE C 36 25.26 -18.23 -3.67
N ARG C 37 26.13 -17.27 -3.91
CA ARG C 37 26.83 -16.49 -2.82
C ARG C 37 27.62 -17.38 -1.90
N LYS C 38 28.01 -18.58 -2.31
CA LYS C 38 28.75 -19.45 -1.39
C LYS C 38 30.25 -19.33 -1.55
N ASN C 39 30.99 -19.67 -0.48
CA ASN C 39 32.49 -19.51 -0.41
C ASN C 39 33.31 -20.50 -1.24
N LEU C 49 34.47 -26.96 -13.42
CA LEU C 49 35.26 -26.63 -12.23
C LEU C 49 35.03 -25.24 -11.62
N SER C 50 34.36 -24.31 -12.34
CA SER C 50 33.96 -23.01 -11.75
C SER C 50 32.68 -23.21 -10.96
N PRO C 51 32.45 -22.45 -9.87
CA PRO C 51 31.17 -22.73 -9.11
C PRO C 51 29.86 -22.63 -9.90
N VAL C 52 29.79 -21.63 -10.78
CA VAL C 52 28.60 -21.44 -11.59
C VAL C 52 28.44 -22.60 -12.58
N THR C 53 29.53 -23.07 -13.20
CA THR C 53 29.52 -24.24 -14.05
C THR C 53 29.04 -25.48 -13.32
N ILE C 54 29.53 -25.71 -12.11
CA ILE C 54 29.10 -26.84 -11.27
C ILE C 54 27.61 -26.71 -10.96
N ALA C 55 27.17 -25.53 -10.58
CA ALA C 55 25.79 -25.29 -10.22
C ALA C 55 24.88 -25.51 -11.45
N ASP C 56 25.30 -24.97 -12.60
CA ASP C 56 24.48 -25.07 -13.85
C ASP C 56 24.36 -26.56 -14.25
N GLN C 57 25.47 -27.28 -14.17
CA GLN C 57 25.48 -28.69 -14.61
C GLN C 57 24.65 -29.53 -13.67
N SER C 58 24.84 -29.33 -12.37
CA SER C 58 24.11 -30.11 -11.34
C SER C 58 22.61 -29.82 -11.38
N ALA C 59 22.27 -28.54 -11.61
CA ALA C 59 20.86 -28.17 -11.66
C ALA C 59 20.17 -28.75 -12.91
N GLU C 60 20.86 -28.71 -14.03
CA GLU C 60 20.32 -29.35 -15.28
C GLU C 60 20.13 -30.85 -15.05
N GLU C 61 21.12 -31.52 -14.47
CA GLU C 61 21.03 -32.96 -14.29
C GLU C 61 19.85 -33.26 -13.35
N ALA C 62 19.65 -32.42 -12.36
CA ALA C 62 18.52 -32.58 -11.42
C ALA C 62 17.16 -32.42 -12.11
N MET C 63 17.03 -31.42 -12.94
CA MET C 63 15.81 -31.26 -13.72
C MET C 63 15.57 -32.44 -14.68
N VAL C 64 16.60 -32.85 -15.40
CA VAL C 64 16.47 -33.93 -16.37
C VAL C 64 16.07 -35.22 -15.67
N SER C 65 16.74 -35.50 -14.56
CA SER C 65 16.09 -36.56 -13.67
CA SER C 65 16.13 -36.58 -13.66
C SER C 65 14.65 -36.72 -13.36
N VAL C 66 14.15 -35.58 -12.91
CA VAL C 66 12.75 -35.42 -12.61
C VAL C 66 11.89 -35.57 -13.86
N ILE C 67 12.28 -34.93 -14.95
CA ILE C 67 11.48 -34.97 -16.17
C ILE C 67 11.43 -36.37 -16.73
N LEU C 68 12.55 -37.00 -16.89
CA LEU C 68 12.61 -38.31 -17.48
C LEU C 68 12.13 -39.45 -16.62
N ASP C 69 12.15 -39.28 -15.31
CA ASP C 69 11.52 -40.23 -14.40
C ASP C 69 10.03 -40.27 -14.70
N ASN C 70 9.42 -39.11 -14.91
CA ASN C 70 8.00 -38.99 -15.16
C ASN C 70 7.56 -39.25 -16.57
N PHE C 71 8.41 -38.91 -17.51
CA PHE C 71 8.14 -38.94 -18.96
C PHE C 71 9.30 -39.55 -19.70
N PRO C 72 9.44 -40.91 -19.62
CA PRO C 72 10.63 -41.53 -20.22
C PRO C 72 10.74 -41.38 -21.73
N SER C 73 9.59 -41.17 -22.37
CA SER C 73 9.59 -40.99 -23.83
CA SER C 73 9.48 -40.98 -23.83
C SER C 73 9.66 -39.56 -24.31
N HIS C 74 9.83 -38.60 -23.42
CA HIS C 74 10.12 -37.24 -23.85
C HIS C 74 11.63 -37.03 -24.09
N ALA C 75 11.97 -36.00 -24.82
CA ALA C 75 13.31 -35.59 -24.99
C ALA C 75 13.61 -34.36 -24.13
N VAL C 76 14.91 -34.12 -23.89
CA VAL C 76 15.34 -32.89 -23.26
C VAL C 76 16.40 -32.25 -24.15
N TYR C 77 16.55 -30.94 -24.02
CA TYR C 77 17.57 -30.18 -24.74
C TYR C 77 18.07 -29.15 -23.75
N GLY C 78 19.40 -29.10 -23.56
CA GLY C 78 20.11 -27.93 -22.90
C GLY C 78 21.35 -27.49 -23.69
N GLU C 79 21.91 -26.33 -23.38
CA GLU C 79 23.10 -25.79 -24.15
C GLU C 79 24.25 -26.78 -24.29
N GLU C 80 24.64 -27.32 -23.16
CA GLU C 80 25.77 -28.22 -23.04
C GLU C 80 25.72 -29.55 -23.76
N LYS C 81 24.72 -30.33 -23.42
CA LYS C 81 24.61 -31.68 -23.89
C LYS C 81 23.70 -31.74 -25.10
N GLY C 82 22.94 -30.64 -25.39
CA GLY C 82 22.09 -30.66 -26.58
C GLY C 82 20.99 -31.65 -26.36
N TRP C 83 20.59 -32.30 -27.46
CA TRP C 83 19.48 -33.21 -27.51
C TRP C 83 19.83 -34.52 -26.78
N ARG C 84 18.86 -35.02 -26.04
CA ARG C 84 18.93 -36.33 -25.42
C ARG C 84 17.57 -36.98 -25.44
N CYS C 85 17.50 -38.20 -25.97
CA CYS C 85 16.27 -38.94 -25.98
C CYS C 85 16.59 -40.41 -26.08
N LYS C 86 15.78 -41.21 -25.41
CA LYS C 86 15.86 -42.67 -25.39
C LYS C 86 15.54 -43.25 -26.77
N GLN C 87 14.71 -42.52 -27.53
CA GLN C 87 14.23 -42.86 -28.85
C GLN C 87 14.71 -41.89 -29.93
N ASP C 88 14.53 -42.24 -31.19
CA ASP C 88 15.00 -41.42 -32.34
C ASP C 88 14.28 -40.09 -32.47
N SER C 89 13.10 -40.02 -31.87
CA SER C 89 12.27 -38.86 -32.00
C SER C 89 11.37 -38.74 -30.80
N ALA C 90 10.79 -37.55 -30.61
CA ALA C 90 9.87 -37.29 -29.52
C ALA C 90 8.93 -36.19 -29.87
N ASP C 91 7.66 -36.35 -29.56
CA ASP C 91 6.65 -35.33 -29.73
C ASP C 91 6.85 -34.19 -28.72
N TYR C 92 7.30 -34.54 -27.52
CA TYR C 92 7.46 -33.55 -26.46
C TYR C 92 8.93 -33.40 -26.11
N VAL C 93 9.36 -32.12 -26.07
CA VAL C 93 10.77 -31.82 -25.83
C VAL C 93 10.77 -30.73 -24.76
N TRP C 94 11.60 -30.98 -23.71
CA TRP C 94 11.80 -29.98 -22.65
C TRP C 94 13.07 -29.25 -22.98
N VAL C 95 13.04 -27.91 -23.01
CA VAL C 95 14.20 -27.09 -23.30
C VAL C 95 14.52 -26.31 -22.00
N LEU C 96 15.76 -26.43 -21.55
CA LEU C 96 16.12 -25.95 -20.19
C LEU C 96 17.31 -25.05 -20.23
N ASP C 97 17.24 -24.03 -19.36
CA ASP C 97 18.45 -23.25 -18.98
C ASP C 97 18.39 -23.08 -17.45
N PRO C 98 19.27 -23.76 -16.73
CA PRO C 98 19.21 -23.65 -15.25
C PRO C 98 19.59 -22.28 -14.73
N ILE C 99 20.51 -21.59 -15.41
CA ILE C 99 20.96 -20.26 -14.96
C ILE C 99 21.08 -19.34 -16.17
N ASP C 100 19.95 -18.71 -16.48
CA ASP C 100 19.92 -17.67 -17.43
C ASP C 100 20.31 -16.34 -16.73
N GLY C 101 21.49 -15.85 -17.02
CA GLY C 101 22.08 -14.71 -16.29
C GLY C 101 23.23 -15.17 -15.41
N THR C 102 24.19 -15.84 -15.97
CA THR C 102 25.35 -16.32 -15.20
C THR C 102 26.17 -15.18 -14.61
N LYS C 103 26.26 -14.02 -15.30
CA LYS C 103 27.03 -12.88 -14.72
C LYS C 103 26.36 -12.38 -13.47
N SER C 104 25.03 -12.32 -13.42
CA SER C 104 24.33 -11.97 -12.20
C SER C 104 24.60 -12.98 -11.14
N PHE C 105 24.47 -14.27 -11.46
CA PHE C 105 24.75 -15.31 -10.50
C PHE C 105 26.16 -15.12 -9.90
N ILE C 106 27.15 -15.01 -10.76
CA ILE C 106 28.57 -14.92 -10.33
C ILE C 106 28.83 -13.74 -9.40
N THR C 107 28.14 -12.65 -9.66
CA THR C 107 28.32 -11.42 -8.90
C THR C 107 27.31 -11.29 -7.73
N GLY C 108 26.60 -12.35 -7.42
CA GLY C 108 25.70 -12.33 -6.30
C GLY C 108 24.41 -11.55 -6.38
N MLZ C 109 24.00 -11.25 -7.60
CA MLZ C 109 22.80 -10.51 -7.87
CB MLZ C 109 23.03 -9.60 -9.03
CG MLZ C 109 21.80 -8.78 -9.26
CD MLZ C 109 21.98 -7.73 -10.33
CE MLZ C 109 22.76 -6.55 -9.80
NZ MLZ C 109 22.71 -5.48 -10.74
CM MLZ C 109 23.40 -4.31 -10.32
C MLZ C 109 21.68 -11.51 -8.19
O MLZ C 109 21.78 -12.29 -9.13
N PRO C 110 20.62 -11.47 -7.33
CA PRO C 110 19.56 -12.50 -7.51
C PRO C 110 18.49 -12.25 -8.54
N LEU C 111 18.93 -11.95 -9.73
CA LEU C 111 18.05 -11.68 -10.88
C LEU C 111 18.33 -12.56 -12.12
N PHE C 112 19.11 -13.58 -11.94
CA PHE C 112 19.15 -14.67 -12.91
C PHE C 112 17.87 -15.50 -12.80
N GLY C 113 17.67 -16.43 -13.76
CA GLY C 113 16.50 -17.25 -13.67
C GLY C 113 16.72 -18.63 -14.24
N THR C 114 15.92 -19.55 -13.71
CA THR C 114 15.84 -20.88 -14.35
C THR C 114 14.67 -20.85 -15.35
N LEU C 115 14.98 -21.27 -16.59
CA LEU C 115 13.95 -21.33 -17.69
C LEU C 115 13.68 -22.78 -18.02
N ILE C 116 12.37 -23.09 -18.07
CA ILE C 116 11.93 -24.45 -18.48
C ILE C 116 10.81 -24.20 -19.51
N ALA C 117 10.98 -24.83 -20.68
CA ALA C 117 9.90 -24.78 -21.71
C ALA C 117 9.60 -26.23 -22.05
N LEU C 118 8.33 -26.51 -22.33
CA LEU C 118 7.92 -27.82 -22.90
C LEU C 118 7.29 -27.48 -24.26
N LEU C 119 7.83 -28.17 -25.27
CA LEU C 119 7.39 -28.02 -26.63
C LEU C 119 6.66 -29.30 -27.08
N GLN C 120 5.48 -29.09 -27.71
CA GLN C 120 4.76 -30.20 -28.35
C GLN C 120 4.88 -29.94 -29.86
N ASN C 121 5.48 -30.88 -30.58
CA ASN C 121 5.66 -30.71 -32.02
C ASN C 121 6.28 -29.37 -32.35
N GLY C 122 7.25 -28.95 -31.51
CA GLY C 122 7.99 -27.71 -31.77
C GLY C 122 7.39 -26.47 -31.23
N THR C 123 6.18 -26.51 -30.69
CA THR C 123 5.51 -25.30 -30.22
C THR C 123 5.47 -25.27 -28.65
N PRO C 124 5.92 -24.15 -28.03
CA PRO C 124 5.91 -24.11 -26.55
C PRO C 124 4.48 -24.13 -26.02
N ILE C 125 4.25 -25.07 -25.13
CA ILE C 125 2.97 -25.23 -24.45
C ILE C 125 2.98 -24.84 -22.96
N LEU C 126 4.21 -24.73 -22.41
CA LEU C 126 4.41 -24.41 -21.01
C LEU C 126 5.75 -23.75 -20.93
N GLY C 127 5.79 -22.66 -20.11
CA GLY C 127 7.06 -22.06 -19.80
C GLY C 127 7.05 -21.60 -18.33
N ILE C 128 8.23 -21.75 -17.73
CA ILE C 128 8.49 -21.27 -16.33
C ILE C 128 9.71 -20.35 -16.36
N ILE C 129 9.53 -19.19 -15.68
CA ILE C 129 10.65 -18.37 -15.27
C ILE C 129 10.71 -18.45 -13.73
N ASP C 130 11.78 -19.05 -13.18
CA ASP C 130 11.87 -19.22 -11.77
C ASP C 130 13.07 -18.45 -11.24
N GLN C 131 12.83 -17.65 -10.19
CA GLN C 131 13.92 -16.94 -9.45
C GLN C 131 13.97 -17.63 -8.07
N PRO C 132 14.91 -18.60 -7.90
CA PRO C 132 14.85 -19.43 -6.70
C PRO C 132 15.28 -18.75 -5.40
N VAL C 133 15.98 -17.62 -5.51
CA VAL C 133 16.40 -16.88 -4.33
C VAL C 133 15.25 -16.00 -3.81
N LEU C 134 14.63 -15.27 -4.75
CA LEU C 134 13.52 -14.40 -4.48
C LEU C 134 12.20 -15.16 -4.27
N LYS C 135 12.22 -16.43 -4.62
CA LYS C 135 11.03 -17.27 -4.51
C LYS C 135 9.85 -16.72 -5.32
N GLU C 136 10.17 -16.47 -6.60
CA GLU C 136 9.19 -15.94 -7.53
C GLU C 136 9.19 -16.86 -8.76
N ARG C 137 8.00 -17.35 -9.10
CA ARG C 137 7.86 -18.28 -10.23
C ARG C 137 6.71 -17.85 -11.09
N TRP C 138 7.03 -17.52 -12.35
CA TRP C 138 6.02 -17.21 -13.37
C TRP C 138 5.81 -18.49 -14.19
N ILE C 139 4.54 -18.82 -14.37
CA ILE C 139 4.16 -20.01 -15.15
C ILE C 139 3.17 -19.62 -16.24
N GLY C 140 3.55 -19.91 -17.47
CA GLY C 140 2.66 -19.77 -18.62
C GLY C 140 2.31 -21.15 -19.17
N ILE C 141 1.02 -21.30 -19.39
CA ILE C 141 0.45 -22.57 -19.88
C ILE C 141 -0.53 -22.19 -20.99
N THR C 142 -0.39 -22.86 -22.17
CA THR C 142 -1.31 -22.55 -23.27
C THR C 142 -2.73 -22.84 -22.79
N GLY C 143 -3.61 -21.83 -22.99
CA GLY C 143 -4.94 -21.91 -22.59
C GLY C 143 -5.34 -21.22 -21.33
N LYS C 144 -4.34 -20.87 -20.52
CA LYS C 144 -4.57 -20.29 -19.19
C LYS C 144 -3.90 -18.89 -19.13
N ARG C 145 -4.36 -18.05 -18.20
CA ARG C 145 -3.63 -16.81 -17.92
C ARG C 145 -2.35 -17.15 -17.13
N THR C 146 -1.28 -16.40 -17.38
CA THR C 146 -0.04 -16.59 -16.65
C THR C 146 -0.19 -16.20 -15.18
N THR C 147 0.56 -16.93 -14.34
CA THR C 147 0.55 -16.69 -12.90
C THR C 147 1.96 -16.42 -12.39
N LEU C 148 2.00 -15.63 -11.29
CA LEU C 148 3.18 -15.43 -10.47
C LEU C 148 2.83 -15.98 -9.10
N ASN C 149 3.57 -16.99 -8.65
CA ASN C 149 3.29 -17.59 -7.37
C ASN C 149 1.81 -17.86 -7.18
N GLY C 150 1.20 -18.39 -8.26
CA GLY C 150 -0.19 -18.81 -8.23
C GLY C 150 -1.27 -17.80 -8.48
N GLN C 151 -0.90 -16.52 -8.55
CA GLN C 151 -1.82 -15.45 -8.78
C GLN C 151 -1.72 -14.93 -10.22
N GLU C 152 -2.87 -14.73 -10.87
CA GLU C 152 -2.87 -14.23 -12.23
C GLU C 152 -2.20 -12.86 -12.36
N VAL C 153 -1.48 -12.72 -13.48
CA VAL C 153 -0.83 -11.48 -13.83
C VAL C 153 -1.33 -10.97 -15.14
N SER C 154 -1.02 -9.71 -15.42
CA SER C 154 -1.31 -9.11 -16.67
C SER C 154 -0.28 -8.05 -17.06
N THR C 155 -0.03 -7.90 -18.35
CA THR C 155 0.70 -6.81 -18.89
C THR C 155 -0.11 -5.52 -18.74
N ARG C 156 0.53 -4.39 -18.95
CA ARG C 156 -0.16 -3.11 -18.86
C ARG C 156 -0.23 -2.44 -20.21
N THR C 157 -1.24 -1.59 -20.41
CA THR C 157 -1.33 -0.83 -21.62
C THR C 157 -0.33 0.33 -21.50
N CYS C 158 0.09 0.85 -22.62
CA CYS C 158 0.99 2.03 -22.62
C CYS C 158 0.72 2.89 -23.85
N ALA C 159 0.49 4.22 -23.67
CA ALA C 159 0.03 5.10 -24.73
C ALA C 159 0.89 5.20 -26.00
N ASP C 160 2.19 5.23 -25.83
CA ASP C 160 3.10 5.59 -26.90
C ASP C 160 4.49 5.24 -26.47
N LEU C 161 5.32 4.95 -27.46
CA LEU C 161 6.68 4.58 -27.21
C LEU C 161 7.43 5.61 -26.34
N SER C 162 7.11 6.88 -26.49
CA SER C 162 7.71 7.95 -25.67
C SER C 162 7.45 7.84 -24.17
N GLN C 163 6.42 7.09 -23.79
CA GLN C 163 6.04 6.79 -22.39
C GLN C 163 6.49 5.41 -21.86
N ALA C 164 7.16 4.66 -22.69
CA ALA C 164 7.48 3.30 -22.33
C ALA C 164 8.74 3.19 -21.48
N TYR C 165 8.76 2.20 -20.58
CA TYR C 165 9.93 1.73 -19.87
C TYR C 165 10.48 0.52 -20.60
N LEU C 166 11.72 0.60 -20.99
CA LEU C 166 12.44 -0.37 -21.81
C LEU C 166 13.62 -0.97 -21.04
N TYR C 167 13.81 -2.28 -21.17
CA TYR C 167 14.95 -2.99 -20.59
C TYR C 167 15.73 -3.74 -21.65
N THR C 168 17.01 -3.96 -21.34
CA THR C 168 17.95 -4.83 -22.07
C THR C 168 19.02 -5.33 -21.06
N THR C 169 19.66 -6.47 -21.31
CA THR C 169 20.67 -6.93 -20.32
C THR C 169 21.94 -6.08 -20.21
N SER C 170 22.52 -5.76 -21.35
CA SER C 170 23.79 -5.00 -21.39
C SER C 170 23.87 -4.22 -22.67
N PRO C 171 24.44 -2.99 -22.62
CA PRO C 171 24.71 -2.29 -23.87
C PRO C 171 25.73 -2.97 -24.77
N HIS C 172 26.57 -3.86 -24.22
CA HIS C 172 27.66 -4.50 -25.01
C HIS C 172 27.28 -5.74 -25.78
N LEU C 173 26.01 -6.17 -25.64
CA LEU C 173 25.56 -7.42 -26.25
C LEU C 173 24.83 -7.14 -27.56
N PHE C 174 25.35 -6.18 -28.31
CA PHE C 174 24.82 -5.79 -29.62
C PHE C 174 25.99 -5.60 -30.60
N SER C 175 25.82 -6.17 -31.79
CA SER C 175 26.76 -6.09 -32.91
C SER C 175 26.46 -4.76 -33.57
N GLY C 176 27.23 -4.35 -34.58
CA GLY C 176 26.96 -3.07 -35.21
C GLY C 176 25.64 -2.82 -35.91
N ASP C 177 25.17 -3.71 -36.79
CA ASP C 177 23.88 -3.44 -37.46
C ASP C 177 22.78 -3.47 -36.41
N ALA C 178 22.85 -4.48 -35.57
CA ALA C 178 21.92 -4.61 -34.43
C ALA C 178 22.09 -3.46 -33.43
N GLU C 179 23.33 -2.99 -33.24
CA GLU C 179 23.57 -1.82 -32.37
C GLU C 179 22.87 -0.53 -32.91
N GLU C 180 22.94 -0.27 -34.22
CA GLU C 180 22.21 0.89 -34.78
C GLU C 180 20.69 0.81 -34.55
N ALA C 181 20.13 -0.39 -34.72
CA ALA C 181 18.70 -0.61 -34.51
C ALA C 181 18.34 -0.36 -33.05
N PHE C 182 19.14 -0.93 -32.11
CA PHE C 182 18.96 -0.70 -30.72
C PHE C 182 18.96 0.78 -30.35
N ILE C 183 19.91 1.55 -30.91
CA ILE C 183 20.01 2.99 -30.65
C ILE C 183 18.71 3.67 -31.06
N ARG C 184 18.19 3.34 -32.24
CA ARG C 184 16.92 3.96 -32.72
C ARG C 184 15.79 3.81 -31.69
N VAL C 185 15.61 2.59 -31.14
CA VAL C 185 14.54 2.36 -30.19
C VAL C 185 14.80 3.05 -28.83
N ARG C 186 16.02 2.90 -28.36
CA ARG C 186 16.45 3.43 -27.07
C ARG C 186 16.19 4.95 -27.02
N ASP C 187 16.43 5.61 -28.14
CA ASP C 187 16.28 7.04 -28.24
C ASP C 187 14.83 7.57 -28.23
N LYS C 188 13.85 6.68 -28.44
CA LYS C 188 12.44 7.00 -28.46
C LYS C 188 11.63 6.73 -27.23
N VAL C 189 12.19 5.97 -26.30
CA VAL C 189 11.41 5.55 -25.15
C VAL C 189 11.52 6.56 -24.00
N LYS C 190 10.70 6.41 -22.97
CA LYS C 190 10.80 7.30 -21.82
C LYS C 190 12.11 7.08 -21.07
N ILE C 191 12.46 5.83 -20.79
CA ILE C 191 13.75 5.51 -20.19
C ILE C 191 14.26 4.14 -20.58
N PRO C 192 15.53 4.06 -20.97
CA PRO C 192 16.17 2.79 -21.25
C PRO C 192 16.92 2.35 -19.98
N LEU C 193 16.71 1.12 -19.57
CA LEU C 193 17.32 0.51 -18.37
C LEU C 193 18.08 -0.76 -18.74
N TYR C 194 19.03 -1.18 -17.90
CA TYR C 194 19.89 -2.38 -18.07
C TYR C 194 20.09 -3.37 -16.89
N GLY C 195 20.70 -4.51 -17.22
CA GLY C 195 21.15 -5.54 -16.28
C GLY C 195 20.56 -6.88 -15.85
N CYS C 196 19.38 -7.27 -16.36
CA CYS C 196 18.74 -8.51 -15.92
C CYS C 196 18.15 -9.75 -16.67
N ASP C 197 18.55 -10.03 -17.88
CA ASP C 197 18.18 -11.29 -18.53
C ASP C 197 16.68 -11.64 -18.52
N CYS C 198 16.32 -12.87 -18.20
CA CYS C 198 14.94 -13.21 -18.15
C CYS C 198 14.13 -12.34 -17.22
N TYR C 199 14.72 -11.84 -16.11
CA TYR C 199 13.90 -11.15 -15.12
C TYR C 199 13.14 -9.95 -15.72
N ALA C 200 13.72 -9.31 -16.73
CA ALA C 200 13.02 -8.20 -17.37
C ALA C 200 11.69 -8.62 -18.05
N TYR C 201 11.73 -9.83 -18.60
CA TYR C 201 10.55 -10.37 -19.28
C TYR C 201 9.47 -10.72 -18.26
N ALA C 202 9.90 -11.21 -17.07
CA ALA C 202 9.03 -11.46 -15.99
C ALA C 202 8.32 -10.21 -15.52
N LEU C 203 9.12 -9.14 -15.34
CA LEU C 203 8.55 -7.83 -14.91
C LEU C 203 7.54 -7.31 -16.01
N LEU C 204 7.90 -7.51 -17.28
CA LEU C 204 6.97 -7.14 -18.36
C LEU C 204 5.64 -7.91 -18.25
N SER C 205 5.74 -9.21 -17.97
CA SER C 205 4.54 -10.06 -17.83
C SER C 205 3.64 -9.65 -16.72
N SER C 206 4.27 -9.08 -15.66
CA SER C 206 3.55 -8.57 -14.51
C SER C 206 3.11 -7.11 -14.61
N GLY C 207 3.42 -6.48 -15.72
CA GLY C 207 2.90 -5.18 -15.97
C GLY C 207 3.72 -4.02 -15.41
N PHE C 208 5.01 -4.23 -15.18
CA PHE C 208 5.87 -3.17 -14.64
C PHE C 208 6.84 -2.60 -15.60
N VAL C 209 7.01 -3.21 -16.78
CA VAL C 209 7.95 -2.83 -17.79
C VAL C 209 7.10 -2.92 -19.09
N ASP C 210 7.37 -2.07 -20.07
CA ASP C 210 6.61 -2.03 -21.30
C ASP C 210 7.25 -2.75 -22.48
N LEU C 211 8.57 -2.75 -22.52
CA LEU C 211 9.29 -3.33 -23.63
C LEU C 211 10.62 -3.94 -23.25
N VAL C 212 10.98 -5.02 -23.92
CA VAL C 212 12.25 -5.65 -23.74
C VAL C 212 12.82 -5.90 -25.14
N VAL C 213 14.04 -5.47 -25.42
CA VAL C 213 14.69 -5.66 -26.73
C VAL C 213 16.03 -6.26 -26.54
N GLU C 214 16.30 -7.43 -27.11
CA GLU C 214 17.58 -8.08 -26.98
C GLU C 214 18.01 -8.73 -28.28
N SER C 215 19.30 -8.87 -28.44
CA SER C 215 19.91 -9.51 -29.59
CA SER C 215 19.90 -9.53 -29.59
C SER C 215 20.69 -10.73 -29.14
N GLY C 216 20.76 -11.73 -29.96
CA GLY C 216 21.66 -12.81 -29.71
C GLY C 216 21.26 -13.86 -28.76
N LEU C 217 19.94 -14.08 -28.59
CA LEU C 217 19.46 -15.09 -27.65
C LEU C 217 19.35 -16.43 -28.28
N LYS C 218 19.79 -17.44 -27.55
CA LYS C 218 19.66 -18.84 -28.03
C LYS C 218 18.28 -19.32 -27.57
N PRO C 219 17.80 -20.41 -28.17
CA PRO C 219 16.41 -20.81 -27.94
C PRO C 219 16.07 -21.25 -26.51
N TYR C 220 17.08 -21.79 -25.80
CA TYR C 220 16.90 -22.14 -24.40
C TYR C 220 16.72 -20.92 -23.47
N ASP C 221 16.99 -19.72 -24.00
CA ASP C 221 16.75 -18.48 -23.26
C ASP C 221 15.58 -17.66 -23.72
N PHE C 222 14.82 -18.18 -24.69
CA PHE C 222 13.58 -17.50 -25.04
C PHE C 222 12.31 -18.35 -25.13
N LEU C 223 12.45 -19.67 -25.35
CA LEU C 223 11.24 -20.43 -25.57
C LEU C 223 10.29 -20.37 -24.38
N ALA C 224 10.84 -20.47 -23.15
CA ALA C 224 10.05 -20.41 -22.00
C ALA C 224 9.29 -19.11 -21.83
N LEU C 225 9.88 -18.03 -22.36
CA LEU C 225 9.29 -16.69 -22.23
C LEU C 225 7.95 -16.58 -23.00
N ILE C 226 7.80 -17.40 -24.08
CA ILE C 226 6.70 -17.15 -25.00
C ILE C 226 5.32 -17.41 -24.35
N PRO C 227 5.13 -18.61 -23.74
CA PRO C 227 3.85 -18.80 -23.03
C PRO C 227 3.60 -17.84 -21.87
N VAL C 228 4.70 -17.53 -21.17
CA VAL C 228 4.58 -16.58 -20.04
C VAL C 228 4.06 -15.22 -20.54
N ILE C 229 4.77 -14.67 -21.53
CA ILE C 229 4.40 -13.33 -22.01
C ILE C 229 3.02 -13.32 -22.70
N GLU C 230 2.83 -14.31 -23.60
CA GLU C 230 1.57 -14.30 -24.34
C GLU C 230 0.38 -14.50 -23.43
N GLY C 231 0.56 -15.40 -22.43
CA GLY C 231 -0.49 -15.67 -21.50
C GLY C 231 -0.81 -14.56 -20.49
N SER C 232 0.10 -13.55 -20.46
CA SER C 232 -0.13 -12.32 -19.66
C SER C 232 -0.80 -11.22 -20.48
N GLY C 233 -1.00 -11.47 -21.80
CA GLY C 233 -1.55 -10.47 -22.65
C GLY C 233 -0.54 -9.69 -23.49
N GLY C 234 0.74 -10.10 -23.42
CA GLY C 234 1.75 -9.42 -24.19
C GLY C 234 2.05 -10.06 -25.54
N VAL C 235 3.08 -9.56 -26.18
CA VAL C 235 3.50 -10.02 -27.52
CA VAL C 235 3.48 -9.93 -27.54
C VAL C 235 5.00 -10.16 -27.51
N ILE C 236 5.51 -11.19 -28.18
CA ILE C 236 6.97 -11.40 -28.27
C ILE C 236 7.23 -11.95 -29.64
N THR C 237 8.13 -11.40 -30.39
CA THR C 237 8.48 -11.75 -31.76
C THR C 237 9.95 -11.55 -32.03
N ASP C 238 10.43 -11.90 -33.23
CA ASP C 238 11.69 -11.42 -33.69
C ASP C 238 11.63 -9.95 -34.11
N TRP C 239 12.76 -9.40 -34.55
CA TRP C 239 12.81 -7.94 -34.84
C TRP C 239 12.10 -7.53 -36.10
N LYS C 240 11.69 -8.49 -36.93
CA LYS C 240 10.82 -8.25 -38.08
C LYS C 240 9.36 -8.44 -37.74
N GLY C 241 9.04 -8.87 -36.53
CA GLY C 241 7.68 -9.09 -36.11
C GLY C 241 7.18 -10.49 -36.37
N HIS C 242 8.08 -11.38 -36.74
CA HIS C 242 7.71 -12.73 -37.09
C HIS C 242 7.75 -13.59 -35.82
N GLN C 243 7.00 -14.69 -35.88
CA GLN C 243 6.93 -15.64 -34.77
C GLN C 243 8.32 -16.17 -34.47
N LEU C 244 8.66 -16.28 -33.18
CA LEU C 244 9.87 -16.97 -32.78
C LEU C 244 9.56 -18.45 -32.74
N ARG C 245 10.30 -19.18 -33.52
CA ARG C 245 10.08 -20.59 -33.59
C ARG C 245 11.37 -21.31 -33.75
N TRP C 246 11.48 -22.37 -32.99
CA TRP C 246 12.66 -23.22 -33.06
C TRP C 246 12.33 -24.59 -32.63
N GLU C 247 12.43 -25.52 -33.54
CA GLU C 247 12.06 -26.88 -33.16
C GLU C 247 13.34 -27.57 -32.66
N ALA C 248 13.30 -28.00 -31.43
CA ALA C 248 14.34 -28.80 -30.83
C ALA C 248 14.22 -30.24 -31.38
N SER C 249 15.31 -30.76 -31.92
CA SER C 249 15.29 -32.06 -32.59
C SER C 249 16.71 -32.63 -32.48
N PRO C 250 16.94 -33.88 -32.86
CA PRO C 250 18.31 -34.38 -32.86
C PRO C 250 19.27 -33.60 -33.75
N LEU C 251 18.73 -32.88 -34.76
CA LEU C 251 19.58 -32.15 -35.71
C LEU C 251 19.49 -30.63 -35.65
N SER C 252 18.67 -30.09 -34.74
CA SER C 252 18.57 -28.67 -34.58
C SER C 252 19.87 -28.05 -34.12
N ILE C 253 20.11 -26.82 -34.57
CA ILE C 253 21.33 -26.06 -34.29
C ILE C 253 20.98 -24.89 -33.38
N ALA C 254 21.92 -24.50 -32.51
CA ALA C 254 21.72 -23.37 -31.53
C ALA C 254 21.92 -22.00 -32.16
N THR C 255 20.99 -21.65 -33.05
CA THR C 255 20.96 -20.37 -33.65
C THR C 255 20.59 -19.28 -32.69
N SER C 256 21.16 -18.11 -32.96
CA SER C 256 20.86 -16.89 -32.19
C SER C 256 19.68 -16.16 -32.82
N PHE C 257 18.83 -15.56 -31.98
CA PHE C 257 17.66 -14.82 -32.40
C PHE C 257 17.66 -13.43 -31.74
N ASN C 258 17.08 -12.49 -32.41
CA ASN C 258 16.76 -11.19 -31.89
C ASN C 258 15.34 -11.19 -31.43
N VAL C 259 15.04 -10.61 -30.26
CA VAL C 259 13.78 -10.66 -29.59
C VAL C 259 13.28 -9.28 -29.24
N VAL C 260 12.01 -9.03 -29.43
CA VAL C 260 11.35 -7.89 -28.90
C VAL C 260 10.04 -8.29 -28.27
N ALA C 261 9.86 -7.96 -27.00
CA ALA C 261 8.68 -8.25 -26.27
C ALA C 261 8.02 -6.97 -25.76
N ALA C 262 6.70 -6.92 -25.80
CA ALA C 262 5.94 -5.78 -25.35
C ALA C 262 4.77 -6.14 -24.55
N GLY C 263 4.36 -5.29 -23.63
CA GLY C 263 3.12 -5.49 -22.92
C GLY C 263 1.88 -5.15 -23.72
N ASP C 264 2.04 -4.23 -24.70
CA ASP C 264 0.94 -3.67 -25.44
C ASP C 264 1.30 -3.80 -26.96
N LYS C 265 0.36 -4.34 -27.72
CA LYS C 265 0.51 -4.57 -29.17
C LYS C 265 0.90 -3.30 -29.97
N GLN C 266 0.40 -2.16 -29.53
CA GLN C 266 0.70 -0.91 -30.22
C GLN C 266 2.14 -0.47 -30.02
N ILE C 267 2.63 -0.62 -28.81
CA ILE C 267 4.01 -0.33 -28.48
C ILE C 267 4.92 -1.26 -29.27
N HIS C 268 4.58 -2.53 -29.29
CA HIS C 268 5.35 -3.49 -30.06
C HIS C 268 5.55 -3.07 -31.53
N GLN C 269 4.48 -2.68 -32.17
CA GLN C 269 4.60 -2.22 -33.57
C GLN C 269 5.46 -0.96 -33.67
N GLN C 270 5.25 -0.02 -32.77
CA GLN C 270 6.11 1.17 -32.79
C GLN C 270 7.57 0.75 -32.64
N ALA C 271 7.85 -0.22 -31.76
CA ALA C 271 9.24 -0.66 -31.61
C ALA C 271 9.77 -1.29 -32.90
N LEU C 272 8.94 -2.10 -33.54
CA LEU C 272 9.37 -2.70 -34.82
C LEU C 272 9.71 -1.63 -35.87
N ASP C 273 8.89 -0.59 -35.90
CA ASP C 273 9.04 0.50 -36.85
C ASP C 273 10.38 1.23 -36.62
N SER C 274 10.81 1.34 -35.36
CA SER C 274 12.10 1.94 -35.04
C SER C 274 13.27 1.04 -35.32
N LEU C 275 13.11 -0.26 -35.02
CA LEU C 275 14.24 -1.19 -35.28
C LEU C 275 14.59 -1.22 -36.76
N GLN C 276 13.59 -1.13 -37.62
CA GLN C 276 13.79 -1.11 -39.12
C GLN C 276 14.63 -2.30 -39.61
N TRP C 277 14.24 -3.50 -39.14
CA TRP C 277 15.08 -4.68 -39.31
C TRP C 277 14.74 -5.42 -40.59
N GLN D 13 26.58 5.14 23.85
CA GLN D 13 26.01 6.12 22.88
C GLN D 13 26.01 5.59 21.42
N LEU D 14 27.07 4.92 20.99
CA LEU D 14 27.18 4.49 19.60
C LEU D 14 26.21 3.29 19.39
N ASN D 15 26.04 2.44 20.40
CA ASN D 15 25.01 1.38 20.35
C ASN D 15 23.61 1.97 20.27
N HIS D 16 23.37 3.05 20.97
CA HIS D 16 22.09 3.73 20.92
C HIS D 16 21.87 4.32 19.53
N PHE D 17 22.89 4.91 18.92
CA PHE D 17 22.77 5.39 17.56
C PHE D 17 22.40 4.24 16.62
N SER D 18 23.05 3.09 16.76
CA SER D 18 22.79 1.87 15.94
C SER D 18 21.34 1.39 16.13
N ASP D 19 20.88 1.39 17.36
CA ASP D 19 19.56 0.88 17.68
C ASP D 19 18.55 1.79 16.98
N VAL D 20 18.74 3.09 17.11
CA VAL D 20 17.83 4.08 16.50
C VAL D 20 17.87 4.04 14.96
N ALA D 21 19.05 3.92 14.39
CA ALA D 21 19.17 3.77 12.94
C ALA D 21 18.39 2.55 12.44
N ASN D 22 18.52 1.44 13.13
CA ASN D 22 17.75 0.25 12.78
C ASN D 22 16.30 0.47 12.92
N LYS D 23 15.80 1.13 13.95
CA LYS D 23 14.40 1.45 14.05
C LYS D 23 13.95 2.35 12.90
N ALA D 24 14.77 3.30 12.48
CA ALA D 24 14.44 4.15 11.37
C ALA D 24 14.32 3.32 10.08
N ALA D 25 15.25 2.43 9.86
CA ALA D 25 15.24 1.56 8.66
C ALA D 25 13.99 0.70 8.71
N ASN D 26 13.62 0.15 9.84
CA ASN D 26 12.42 -0.65 9.97
C ASN D 26 11.23 0.16 9.56
N ALA D 27 11.15 1.42 10.04
CA ALA D 27 10.04 2.29 9.74
C ALA D 27 9.93 2.55 8.23
N ALA D 28 11.03 2.84 7.60
CA ALA D 28 11.05 3.09 6.17
C ALA D 28 10.59 1.83 5.42
N GLY D 29 11.03 0.66 5.85
CA GLY D 29 10.74 -0.60 5.14
C GLY D 29 9.28 -0.91 5.16
N ASP D 30 8.59 -0.63 6.25
CA ASP D 30 7.17 -0.91 6.32
C ASP D 30 6.40 -0.02 5.36
N VAL D 31 6.81 1.20 5.19
CA VAL D 31 6.22 2.09 4.21
C VAL D 31 6.53 1.63 2.79
N ILE D 32 7.77 1.40 2.50
CA ILE D 32 8.16 0.98 1.17
C ILE D 32 7.45 -0.31 0.72
N ARG D 33 7.35 -1.26 1.59
CA ARG D 33 6.70 -2.52 1.24
C ARG D 33 5.23 -2.33 0.97
N LYS D 34 4.59 -1.33 1.56
CA LYS D 34 3.17 -1.04 1.27
C LYS D 34 2.97 -0.56 -0.18
N TYR D 35 3.93 0.15 -0.75
CA TYR D 35 3.82 0.76 -2.05
C TYR D 35 4.51 0.05 -3.21
N PHE D 36 5.45 -0.82 -2.91
CA PHE D 36 6.22 -1.48 -3.96
C PHE D 36 5.32 -2.42 -4.77
N ARG D 37 5.43 -2.35 -6.10
CA ARG D 37 4.64 -3.19 -7.04
C ARG D 37 3.16 -2.92 -6.94
N LYS D 38 2.77 -1.69 -6.61
CA LYS D 38 1.33 -1.30 -6.64
C LYS D 38 0.82 -0.51 -7.86
N SER D 50 1.93 9.55 -7.76
CA SER D 50 2.61 8.27 -7.99
C SER D 50 3.00 7.52 -6.70
N PRO D 51 2.92 6.15 -6.74
CA PRO D 51 3.40 5.31 -5.69
C PRO D 51 4.83 5.68 -5.22
N VAL D 52 5.76 5.90 -6.15
CA VAL D 52 7.13 6.15 -5.73
C VAL D 52 7.23 7.49 -4.92
N THR D 53 6.54 8.54 -5.35
CA THR D 53 6.59 9.83 -4.64
C THR D 53 5.99 9.76 -3.26
N ILE D 54 4.85 9.13 -3.14
CA ILE D 54 4.20 8.94 -1.86
C ILE D 54 5.07 8.09 -0.94
N ALA D 55 5.59 6.99 -1.46
CA ALA D 55 6.39 6.08 -0.68
C ALA D 55 7.64 6.82 -0.17
N ASP D 56 8.28 7.56 -1.05
CA ASP D 56 9.53 8.27 -0.69
CA ASP D 56 9.53 8.30 -0.73
C ASP D 56 9.23 9.29 0.42
N GLN D 57 8.16 10.07 0.26
CA GLN D 57 7.81 11.09 1.26
C GLN D 57 7.45 10.43 2.60
N SER D 58 6.57 9.43 2.58
CA SER D 58 6.10 8.79 3.78
C SER D 58 7.22 8.05 4.48
N ALA D 59 8.07 7.39 3.70
CA ALA D 59 9.18 6.71 4.31
C ALA D 59 10.19 7.67 4.99
N GLU D 60 10.42 8.84 4.38
CA GLU D 60 11.33 9.84 5.00
C GLU D 60 10.64 10.31 6.29
N GLU D 61 9.34 10.58 6.25
CA GLU D 61 8.65 11.04 7.49
C GLU D 61 8.77 10.03 8.58
N ALA D 62 8.62 8.77 8.25
CA ALA D 62 8.68 7.68 9.23
C ALA D 62 10.06 7.67 9.85
N MET D 63 11.10 7.77 9.04
CA MET D 63 12.49 7.78 9.57
C MET D 63 12.76 9.00 10.46
N VAL D 64 12.40 10.15 9.98
CA VAL D 64 12.61 11.43 10.72
C VAL D 64 11.89 11.38 12.05
N SER D 65 10.69 10.79 12.09
CA SER D 65 9.95 10.73 13.35
C SER D 65 10.71 9.91 14.35
N VAL D 66 11.22 8.76 13.94
CA VAL D 66 11.97 7.93 14.84
C VAL D 66 13.23 8.66 15.32
N ILE D 67 13.98 9.15 14.40
CA ILE D 67 15.27 9.81 14.74
C ILE D 67 15.04 10.97 15.71
N LEU D 68 14.10 11.85 15.44
CA LEU D 68 13.91 13.02 16.28
C LEU D 68 13.23 12.70 17.59
N ASP D 69 12.47 11.63 17.65
CA ASP D 69 11.85 11.22 18.88
C ASP D 69 12.98 10.86 19.87
N ASN D 70 14.03 10.24 19.36
CA ASN D 70 15.15 9.81 20.19
C ASN D 70 16.20 10.89 20.40
N PHE D 71 16.42 11.71 19.38
CA PHE D 71 17.52 12.69 19.35
C PHE D 71 17.04 14.05 18.88
N PRO D 72 16.29 14.75 19.76
CA PRO D 72 15.73 16.06 19.38
C PRO D 72 16.84 17.11 19.09
N SER D 73 18.07 16.90 19.56
CA SER D 73 19.16 17.82 19.22
C SER D 73 19.83 17.54 17.89
N HIS D 74 19.44 16.45 17.20
CA HIS D 74 20.07 16.12 15.91
C HIS D 74 19.32 16.83 14.77
N ALA D 75 20.01 16.96 13.66
CA ALA D 75 19.39 17.41 12.41
C ALA D 75 19.20 16.23 11.47
N VAL D 76 18.34 16.49 10.47
CA VAL D 76 18.12 15.54 9.40
C VAL D 76 18.26 16.30 8.10
N TYR D 77 18.73 15.58 7.07
CA TYR D 77 18.85 16.11 5.72
C TYR D 77 18.33 15.07 4.72
N GLY D 78 17.39 15.46 3.86
CA GLY D 78 16.78 14.62 2.80
C GLY D 78 16.73 15.44 1.51
N GLU D 79 16.57 14.81 0.34
CA GLU D 79 16.54 15.56 -0.91
C GLU D 79 15.44 16.63 -1.04
N GLU D 80 14.23 16.26 -0.65
CA GLU D 80 12.98 17.06 -0.81
C GLU D 80 13.02 18.29 0.03
N LYS D 81 13.32 18.05 1.32
CA LYS D 81 13.11 19.05 2.31
C LYS D 81 14.39 19.63 2.65
N GLY D 82 15.50 18.96 2.28
CA GLY D 82 16.78 19.49 2.65
C GLY D 82 16.98 19.37 4.16
N TRP D 83 17.63 20.38 4.72
CA TRP D 83 17.96 20.44 6.11
C TRP D 83 16.77 20.72 6.98
N ARG D 84 16.63 19.96 8.06
CA ARG D 84 15.69 20.32 9.15
C ARG D 84 16.28 20.04 10.48
N CYS D 85 15.99 20.96 11.39
CA CYS D 85 16.44 20.83 12.76
C CYS D 85 15.60 21.76 13.60
N LYS D 86 15.22 21.32 14.80
CA LYS D 86 14.54 22.16 15.82
C LYS D 86 15.39 23.33 16.33
N GLN D 87 16.71 23.19 16.18
CA GLN D 87 17.64 24.25 16.47
C GLN D 87 18.32 24.74 15.21
N ASP D 88 19.09 25.82 15.34
CA ASP D 88 19.85 26.44 14.28
C ASP D 88 21.08 25.68 13.75
N SER D 89 21.56 24.73 14.53
CA SER D 89 22.79 24.00 14.20
C SER D 89 22.75 22.69 14.91
N ALA D 90 23.54 21.70 14.44
CA ALA D 90 23.65 20.38 15.10
C ALA D 90 25.05 19.81 14.86
N ASP D 91 25.58 19.11 15.85
CA ASP D 91 26.79 18.32 15.73
C ASP D 91 26.55 16.99 14.96
N TYR D 92 25.35 16.45 15.13
CA TYR D 92 24.97 15.14 14.52
C TYR D 92 23.86 15.42 13.52
N VAL D 93 24.11 14.90 12.31
CA VAL D 93 23.16 15.13 11.20
C VAL D 93 22.95 13.74 10.53
N TRP D 94 21.66 13.40 10.36
CA TRP D 94 21.27 12.17 9.67
C TRP D 94 20.97 12.53 8.20
N VAL D 95 21.64 11.87 7.27
CA VAL D 95 21.44 12.18 5.86
C VAL D 95 20.76 10.90 5.26
N LEU D 96 19.58 11.13 4.65
CA LEU D 96 18.68 10.03 4.32
C LEU D 96 18.31 10.04 2.85
N ASP D 97 18.22 8.81 2.29
CA ASP D 97 17.51 8.66 0.98
C ASP D 97 16.61 7.41 1.10
N PRO D 98 15.28 7.62 1.24
CA PRO D 98 14.44 6.45 1.39
C PRO D 98 14.45 5.46 0.23
N ILE D 99 14.61 5.97 -1.00
CA ILE D 99 14.56 5.14 -2.18
C ILE D 99 15.69 5.56 -3.13
N ASP D 100 16.86 5.01 -2.89
CA ASP D 100 17.97 5.13 -3.83
C ASP D 100 17.78 4.08 -4.89
N GLY D 101 17.52 4.51 -6.10
CA GLY D 101 17.14 3.61 -7.19
C GLY D 101 15.68 3.71 -7.55
N THR D 102 15.17 4.91 -7.72
CA THR D 102 13.74 5.06 -8.05
C THR D 102 13.34 4.36 -9.33
N LYS D 103 14.20 4.30 -10.33
CA LYS D 103 13.83 3.62 -11.58
C LYS D 103 13.65 2.12 -11.36
N SER D 104 14.47 1.51 -10.51
CA SER D 104 14.23 0.12 -10.07
C SER D 104 12.93 0.00 -9.34
N PHE D 105 12.68 0.91 -8.39
CA PHE D 105 11.43 0.80 -7.68
C PHE D 105 10.23 0.88 -8.61
N ILE D 106 10.23 1.84 -9.49
CA ILE D 106 9.09 2.07 -10.43
C ILE D 106 8.86 0.86 -11.32
N THR D 107 9.90 0.21 -11.75
CA THR D 107 9.83 -0.97 -12.64
C THR D 107 9.69 -2.29 -11.91
N GLY D 108 9.48 -2.28 -10.60
CA GLY D 108 9.25 -3.44 -9.84
C GLY D 108 10.46 -4.34 -9.58
N MLZ D 109 11.67 -3.76 -9.67
CA MLZ D 109 12.91 -4.52 -9.47
CB MLZ D 109 13.91 -4.10 -10.53
CG MLZ D 109 15.22 -4.81 -10.41
CD MLZ D 109 16.26 -4.47 -11.47
CE MLZ D 109 15.89 -5.12 -12.79
NZ MLZ D 109 17.00 -5.09 -13.77
CM MLZ D 109 16.67 -5.70 -15.08
C MLZ D 109 13.39 -4.25 -8.04
O MLZ D 109 13.67 -3.11 -7.70
N PRO D 110 13.55 -5.30 -7.23
CA PRO D 110 13.82 -5.11 -5.75
C PRO D 110 15.31 -4.89 -5.43
N LEU D 111 15.98 -3.98 -6.16
CA LEU D 111 17.41 -3.67 -5.94
C LEU D 111 17.65 -2.20 -5.65
N PHE D 112 16.60 -1.47 -5.40
CA PHE D 112 16.75 -0.13 -4.83
C PHE D 112 17.12 -0.30 -3.35
N GLY D 113 17.52 0.81 -2.69
CA GLY D 113 17.80 0.68 -1.25
C GLY D 113 17.43 1.95 -0.51
N THR D 114 17.19 1.76 0.79
CA THR D 114 17.10 2.88 1.72
C THR D 114 18.51 3.11 2.30
N LEU D 115 18.96 4.38 2.22
CA LEU D 115 20.27 4.76 2.73
C LEU D 115 20.09 5.70 3.91
N ILE D 116 20.80 5.35 5.02
CA ILE D 116 20.80 6.17 6.25
C ILE D 116 22.28 6.39 6.62
N ALA D 117 22.64 7.66 6.77
CA ALA D 117 24.03 7.98 7.29
C ALA D 117 23.84 8.90 8.49
N LEU D 118 24.71 8.66 9.50
CA LEU D 118 24.82 9.61 10.63
C LEU D 118 26.23 10.22 10.55
N LEU D 119 26.21 11.57 10.51
CA LEU D 119 27.48 12.32 10.45
C LEU D 119 27.67 13.02 11.78
N GLN D 120 28.89 12.92 12.31
CA GLN D 120 29.32 13.73 13.51
C GLN D 120 30.35 14.75 12.98
N ASN D 121 29.99 16.02 13.12
CA ASN D 121 30.91 17.03 12.61
C ASN D 121 31.30 16.84 11.13
N GLY D 122 30.30 16.39 10.36
CA GLY D 122 30.54 16.15 8.92
C GLY D 122 31.07 14.81 8.54
N THR D 123 31.48 13.98 9.47
CA THR D 123 32.13 12.70 9.17
C THR D 123 31.13 11.56 9.44
N PRO D 124 30.96 10.68 8.46
CA PRO D 124 30.02 9.55 8.64
C PRO D 124 30.54 8.56 9.68
N ILE D 125 29.72 8.31 10.69
CA ILE D 125 30.02 7.37 11.77
C ILE D 125 29.20 6.08 11.69
N LEU D 126 28.13 6.12 10.91
CA LEU D 126 27.20 4.95 10.76
C LEU D 126 26.58 5.11 9.40
N GLY D 127 26.48 3.96 8.73
CA GLY D 127 25.71 3.91 7.44
C GLY D 127 24.94 2.60 7.39
N ILE D 128 23.73 2.70 6.84
CA ILE D 128 22.92 1.52 6.54
C ILE D 128 22.52 1.58 5.05
N ILE D 129 22.66 0.36 4.42
CA ILE D 129 22.02 0.09 3.12
C ILE D 129 20.97 -0.97 3.44
N ASP D 130 19.70 -0.63 3.24
CA ASP D 130 18.61 -1.57 3.53
C ASP D 130 17.80 -1.86 2.24
N GLN D 131 17.66 -3.15 1.97
CA GLN D 131 16.73 -3.60 0.86
C GLN D 131 15.54 -4.22 1.55
N PRO D 132 14.43 -3.50 1.67
CA PRO D 132 13.35 -3.97 2.54
C PRO D 132 12.51 -5.12 1.94
N VAL D 133 12.59 -5.30 0.64
CA VAL D 133 11.89 -6.44 -0.05
C VAL D 133 12.67 -7.72 0.13
N LEU D 134 13.98 -7.65 -0.12
CA LEU D 134 14.88 -8.77 0.01
C LEU D 134 15.20 -9.06 1.46
N LYS D 135 14.92 -8.11 2.34
CA LYS D 135 15.20 -8.22 3.77
C LYS D 135 16.72 -8.43 3.94
N GLU D 136 17.46 -7.51 3.36
CA GLU D 136 18.94 -7.50 3.51
C GLU D 136 19.32 -6.11 4.01
N ARG D 137 20.10 -6.11 5.11
CA ARG D 137 20.53 -4.85 5.71
C ARG D 137 22.01 -4.91 5.97
N TRP D 138 22.79 -4.01 5.36
CA TRP D 138 24.22 -3.82 5.62
C TRP D 138 24.30 -2.65 6.57
N ILE D 139 25.10 -2.85 7.64
CA ILE D 139 25.34 -1.79 8.64
C ILE D 139 26.83 -1.65 8.81
N GLY D 140 27.28 -0.41 8.61
CA GLY D 140 28.63 0.00 8.92
C GLY D 140 28.64 1.00 10.04
N ILE D 141 29.55 0.72 11.02
CA ILE D 141 29.70 1.58 12.20
C ILE D 141 31.18 1.77 12.40
N THR D 142 31.59 3.02 12.61
CA THR D 142 33.00 3.26 12.83
CA THR D 142 33.02 3.30 12.87
C THR D 142 33.48 2.48 14.08
N GLY D 143 34.57 1.77 13.90
CA GLY D 143 35.15 0.96 14.92
C GLY D 143 34.83 -0.53 14.79
N LYS D 144 33.75 -0.87 14.09
CA LYS D 144 33.28 -2.26 13.95
C LYS D 144 33.44 -2.78 12.52
N ARG D 145 33.43 -4.09 12.38
CA ARG D 145 33.31 -4.69 11.03
C ARG D 145 31.87 -4.62 10.57
N THR D 146 31.73 -4.30 9.28
CA THR D 146 30.38 -4.24 8.67
C THR D 146 29.67 -5.61 8.75
N THR D 147 28.33 -5.54 8.89
CA THR D 147 27.52 -6.75 8.93
C THR D 147 26.40 -6.69 7.89
N LEU D 148 26.04 -7.88 7.46
CA LEU D 148 24.81 -8.11 6.65
C LEU D 148 23.89 -8.98 7.47
N ASN D 149 22.72 -8.47 7.82
CA ASN D 149 21.77 -9.18 8.65
C ASN D 149 22.47 -9.80 9.88
N GLY D 150 23.36 -8.99 10.49
CA GLY D 150 24.07 -9.36 11.72
C GLY D 150 25.33 -10.18 11.59
N GLN D 151 25.68 -10.67 10.38
CA GLN D 151 26.88 -11.46 10.12
C GLN D 151 27.94 -10.62 9.50
N GLU D 152 29.17 -10.75 9.99
CA GLU D 152 30.26 -9.97 9.46
C GLU D 152 30.51 -10.29 8.01
N VAL D 153 30.80 -9.28 7.24
CA VAL D 153 31.16 -9.38 5.83
C VAL D 153 32.53 -8.83 5.55
N SER D 154 33.08 -9.17 4.40
CA SER D 154 34.39 -8.69 3.99
C SER D 154 34.43 -8.53 2.48
N THR D 155 35.14 -7.54 2.01
CA THR D 155 35.51 -7.45 0.63
C THR D 155 36.47 -8.57 0.26
N ARG D 156 36.50 -8.86 -1.02
CA ARG D 156 37.50 -9.88 -1.47
CA ARG D 156 37.49 -9.88 -1.48
C ARG D 156 38.83 -9.24 -2.16
N THR D 157 39.85 -10.05 -1.99
CA THR D 157 41.14 -9.62 -2.56
C THR D 157 41.04 -9.71 -4.09
N CYS D 158 41.76 -8.84 -4.72
CA CYS D 158 41.78 -8.73 -6.15
C CYS D 158 43.03 -7.93 -6.44
N ALA D 159 43.92 -8.54 -7.18
CA ALA D 159 45.19 -7.95 -7.49
C ALA D 159 45.29 -7.19 -8.78
N ASP D 160 44.49 -7.56 -9.79
CA ASP D 160 44.63 -6.86 -11.07
C ASP D 160 43.29 -6.53 -11.65
N LEU D 161 43.20 -5.39 -12.33
CA LEU D 161 41.95 -5.04 -12.96
C LEU D 161 41.44 -6.10 -13.93
N SER D 162 42.34 -6.85 -14.60
CA SER D 162 41.92 -7.87 -15.59
C SER D 162 41.08 -8.98 -14.94
N GLN D 163 41.09 -9.09 -13.60
CA GLN D 163 40.31 -10.08 -12.90
C GLN D 163 39.07 -9.53 -12.25
N ALA D 164 38.90 -8.22 -12.37
CA ALA D 164 37.87 -7.55 -11.60
C ALA D 164 36.49 -7.55 -12.30
N TYR D 165 35.45 -7.72 -11.48
CA TYR D 165 34.06 -7.49 -11.82
C TYR D 165 33.69 -6.08 -11.45
N LEU D 166 33.26 -5.30 -12.43
CA LEU D 166 32.90 -3.88 -12.39
C LEU D 166 31.44 -3.67 -12.54
N TYR D 167 30.83 -2.80 -11.77
CA TYR D 167 29.47 -2.43 -12.01
C TYR D 167 29.38 -0.91 -12.11
N THR D 168 28.45 -0.45 -12.94
CA THR D 168 27.88 0.90 -12.81
C THR D 168 26.36 0.91 -13.00
N THR D 169 25.62 1.99 -12.61
CA THR D 169 24.16 1.93 -12.79
C THR D 169 23.75 1.89 -14.25
N SER D 170 24.27 2.82 -15.05
CA SER D 170 23.84 2.96 -16.42
C SER D 170 24.97 3.54 -17.27
N PRO D 171 25.12 3.07 -18.53
CA PRO D 171 26.12 3.70 -19.40
C PRO D 171 25.81 5.15 -19.73
N HIS D 172 24.56 5.61 -19.53
CA HIS D 172 24.16 6.99 -19.93
C HIS D 172 24.28 8.01 -18.82
N LEU D 173 24.69 7.59 -17.63
CA LEU D 173 24.91 8.48 -16.52
C LEU D 173 26.37 8.94 -16.50
N PHE D 174 26.94 9.19 -17.67
CA PHE D 174 28.29 9.71 -17.86
C PHE D 174 28.12 10.74 -18.98
N SER D 175 28.91 11.80 -19.00
CA SER D 175 28.73 12.83 -20.02
C SER D 175 29.73 12.83 -21.18
N GLY D 176 30.91 13.40 -20.95
CA GLY D 176 31.92 13.44 -22.00
C GLY D 176 33.30 13.11 -21.47
N ASP D 177 33.86 13.99 -20.66
CA ASP D 177 35.17 13.76 -20.08
C ASP D 177 35.06 12.56 -19.17
N ALA D 178 33.95 12.49 -18.45
CA ALA D 178 33.68 11.39 -17.52
C ALA D 178 33.51 10.09 -18.28
N GLU D 179 32.81 10.16 -19.41
CA GLU D 179 32.60 9.01 -20.29
C GLU D 179 33.91 8.41 -20.83
N GLU D 180 34.83 9.28 -21.25
CA GLU D 180 36.15 8.84 -21.72
C GLU D 180 36.87 8.11 -20.58
N ALA D 181 36.83 8.67 -19.36
CA ALA D 181 37.49 8.09 -18.18
C ALA D 181 36.90 6.72 -17.86
N PHE D 182 35.58 6.62 -17.84
CA PHE D 182 34.92 5.38 -17.59
C PHE D 182 35.30 4.29 -18.61
N ILE D 183 35.32 4.66 -19.89
CA ILE D 183 35.73 3.74 -20.94
C ILE D 183 37.16 3.18 -20.72
N ARG D 184 38.10 4.04 -20.29
CA ARG D 184 39.46 3.60 -19.96
C ARG D 184 39.44 2.47 -18.93
N VAL D 185 38.60 2.62 -17.91
CA VAL D 185 38.46 1.60 -16.87
C VAL D 185 37.73 0.35 -17.39
N ARG D 186 36.63 0.59 -18.07
CA ARG D 186 35.78 -0.46 -18.52
C ARG D 186 36.54 -1.45 -19.42
N ASP D 187 37.43 -0.92 -20.24
CA ASP D 187 38.20 -1.75 -21.15
C ASP D 187 39.29 -2.65 -20.51
N LYS D 188 39.63 -2.36 -19.24
CA LYS D 188 40.69 -3.07 -18.51
C LYS D 188 40.19 -4.19 -17.60
N VAL D 189 38.89 -4.21 -17.29
CA VAL D 189 38.35 -5.17 -16.31
C VAL D 189 37.94 -6.46 -16.94
N LYS D 190 37.67 -7.45 -16.14
CA LYS D 190 37.21 -8.74 -16.63
C LYS D 190 35.88 -8.60 -17.33
N ILE D 191 34.93 -8.04 -16.61
CA ILE D 191 33.53 -7.99 -16.91
C ILE D 191 32.95 -6.64 -16.43
N PRO D 192 32.49 -5.75 -17.37
CA PRO D 192 31.64 -4.61 -16.96
C PRO D 192 30.17 -4.92 -16.98
N LEU D 193 29.44 -4.59 -15.93
CA LEU D 193 28.01 -4.88 -15.72
C LEU D 193 27.28 -3.62 -15.34
N TYR D 194 25.97 -3.62 -15.53
CA TYR D 194 25.07 -2.49 -15.25
C TYR D 194 23.79 -2.75 -14.43
N GLY D 195 23.18 -1.66 -14.01
CA GLY D 195 21.88 -1.57 -13.39
C GLY D 195 21.39 -1.38 -11.97
N CYS D 196 22.27 -1.36 -10.96
CA CYS D 196 21.74 -1.28 -9.60
C CYS D 196 22.00 -0.29 -8.42
N ASP D 197 22.44 0.91 -8.66
CA ASP D 197 22.55 1.90 -7.61
C ASP D 197 23.33 1.43 -6.38
N CYS D 198 22.77 1.64 -5.20
CA CYS D 198 23.48 1.25 -4.01
C CYS D 198 23.74 -0.23 -3.96
N TYR D 199 22.86 -1.06 -4.55
CA TYR D 199 23.01 -2.52 -4.44
C TYR D 199 24.39 -3.04 -4.88
N ALA D 200 24.98 -2.45 -5.90
CA ALA D 200 26.28 -2.87 -6.35
C ALA D 200 27.36 -2.64 -5.24
N TYR D 201 27.19 -1.53 -4.50
CA TYR D 201 28.11 -1.25 -3.41
C TYR D 201 27.94 -2.24 -2.25
N ALA D 202 26.69 -2.68 -2.02
CA ALA D 202 26.44 -3.70 -1.05
C ALA D 202 27.12 -5.04 -1.42
N LEU D 203 26.97 -5.41 -2.73
CA LEU D 203 27.62 -6.60 -3.20
C LEU D 203 29.16 -6.50 -3.10
N LEU D 204 29.68 -5.30 -3.37
CA LEU D 204 31.10 -5.08 -3.17
C LEU D 204 31.53 -5.34 -1.72
N SER D 205 30.75 -4.76 -0.80
CA SER D 205 31.03 -4.93 0.66
C SER D 205 31.01 -6.37 1.13
N SER D 206 30.19 -7.21 0.45
CA SER D 206 30.08 -8.62 0.75
C SER D 206 31.05 -9.49 -0.03
N GLY D 207 31.89 -8.91 -0.89
CA GLY D 207 32.92 -9.60 -1.57
C GLY D 207 32.54 -10.28 -2.87
N PHE D 208 31.46 -9.85 -3.52
CA PHE D 208 31.01 -10.47 -4.76
C PHE D 208 31.31 -9.62 -5.97
N VAL D 209 31.67 -8.35 -5.80
CA VAL D 209 31.98 -7.43 -6.87
C VAL D 209 33.30 -6.76 -6.46
N ASP D 210 34.11 -6.32 -7.39
CA ASP D 210 35.42 -5.79 -7.10
C ASP D 210 35.49 -4.29 -7.25
N LEU D 211 34.69 -3.65 -8.10
CA LEU D 211 34.83 -2.27 -8.46
C LEU D 211 33.50 -1.68 -8.82
N VAL D 212 33.18 -0.49 -8.31
CA VAL D 212 32.00 0.25 -8.70
C VAL D 212 32.46 1.65 -9.06
N VAL D 213 32.09 2.14 -10.25
CA VAL D 213 32.49 3.48 -10.71
C VAL D 213 31.26 4.20 -11.17
N GLU D 214 30.90 5.33 -10.58
N GLU D 214 30.98 5.38 -10.65
CA GLU D 214 29.77 6.13 -10.99
CA GLU D 214 29.76 6.10 -10.87
C GLU D 214 30.04 7.60 -10.95
C GLU D 214 30.01 7.59 -10.92
N SER D 215 29.31 8.33 -11.79
CA SER D 215 29.39 9.77 -11.88
C SER D 215 28.01 10.35 -11.50
N GLY D 216 28.03 11.55 -10.94
CA GLY D 216 26.83 12.33 -10.72
C GLY D 216 26.01 11.93 -9.52
N LEU D 217 26.66 11.37 -8.52
CA LEU D 217 25.96 11.00 -7.29
C LEU D 217 25.80 12.17 -6.34
N LYS D 218 24.62 12.33 -5.76
CA LYS D 218 24.41 13.33 -4.74
C LYS D 218 24.78 12.70 -3.33
N PRO D 219 25.00 13.55 -2.31
CA PRO D 219 25.55 13.05 -1.06
C PRO D 219 24.65 12.08 -0.28
N TYR D 220 23.34 12.29 -0.36
CA TYR D 220 22.43 11.33 0.27
C TYR D 220 22.48 9.95 -0.36
N ASP D 221 23.09 9.82 -1.54
CA ASP D 221 23.25 8.50 -2.17
C ASP D 221 24.66 7.95 -2.04
N PHE D 222 25.58 8.63 -1.33
CA PHE D 222 26.87 8.00 -1.09
C PHE D 222 27.36 8.03 0.37
N LEU D 223 26.87 8.97 1.21
CA LEU D 223 27.46 8.99 2.55
C LEU D 223 27.29 7.71 3.33
N ALA D 224 26.10 7.08 3.22
CA ALA D 224 25.87 5.85 3.93
C ALA D 224 26.78 4.72 3.49
N LEU D 225 27.24 4.80 2.24
CA LEU D 225 28.10 3.79 1.70
C LEU D 225 29.45 3.75 2.36
N ILE D 226 29.90 4.92 2.85
CA ILE D 226 31.31 5.00 3.29
C ILE D 226 31.62 4.07 4.49
N PRO D 227 30.85 4.15 5.61
CA PRO D 227 31.13 3.26 6.70
C PRO D 227 30.95 1.80 6.35
N VAL D 228 29.94 1.55 5.50
CA VAL D 228 29.65 0.17 5.05
C VAL D 228 30.89 -0.41 4.33
N ILE D 229 31.35 0.26 3.28
CA ILE D 229 32.45 -0.23 2.49
C ILE D 229 33.76 -0.26 3.28
N GLU D 230 34.06 0.87 3.95
CA GLU D 230 35.36 0.93 4.69
C GLU D 230 35.39 -0.17 5.76
N GLY D 231 34.26 -0.35 6.48
CA GLY D 231 34.22 -1.33 7.54
C GLY D 231 34.20 -2.80 7.04
N SER D 232 34.06 -3.00 5.73
CA SER D 232 34.20 -4.32 5.09
C SER D 232 35.60 -4.59 4.61
N GLY D 233 36.50 -3.58 4.66
CA GLY D 233 37.81 -3.67 4.10
C GLY D 233 38.04 -3.06 2.75
N GLY D 234 37.04 -2.32 2.24
CA GLY D 234 37.22 -1.72 0.95
C GLY D 234 37.59 -0.27 1.05
N VAL D 235 37.61 0.38 -0.11
CA VAL D 235 38.09 1.76 -0.28
C VAL D 235 37.05 2.48 -1.15
N ILE D 236 36.70 3.71 -0.78
CA ILE D 236 35.77 4.45 -1.58
C ILE D 236 36.25 5.95 -1.52
N THR D 237 36.41 6.54 -2.67
CA THR D 237 36.89 7.87 -2.84
C THR D 237 36.26 8.55 -4.04
N ASP D 238 36.65 9.78 -4.30
CA ASP D 238 36.23 10.46 -5.51
C ASP D 238 37.23 9.97 -6.58
N TRP D 239 37.07 10.41 -7.81
CA TRP D 239 37.89 9.92 -8.92
C TRP D 239 39.31 10.41 -8.90
N LYS D 240 39.62 11.42 -8.07
CA LYS D 240 41.02 11.78 -7.84
C LYS D 240 41.68 11.03 -6.66
N GLY D 241 40.93 10.21 -5.94
CA GLY D 241 41.40 9.45 -4.83
C GLY D 241 41.26 10.22 -3.52
N HIS D 242 40.57 11.36 -3.55
CA HIS D 242 40.36 12.18 -2.37
C HIS D 242 39.14 11.72 -1.56
N GLN D 243 39.14 12.00 -0.26
CA GLN D 243 38.06 11.63 0.62
C GLN D 243 36.72 12.19 0.07
N LEU D 244 35.64 11.41 0.07
CA LEU D 244 34.32 11.91 -0.25
C LEU D 244 33.81 12.51 0.99
N ARG D 245 33.55 13.79 0.92
CA ARG D 245 33.10 14.51 2.10
C ARG D 245 32.07 15.55 1.69
N TRP D 246 31.05 15.67 2.51
CA TRP D 246 30.01 16.62 2.32
C TRP D 246 29.43 16.91 3.69
N GLU D 247 29.73 18.09 4.21
CA GLU D 247 29.17 18.48 5.49
C GLU D 247 27.76 18.98 5.29
N ALA D 248 26.80 18.23 5.75
CA ALA D 248 25.42 18.64 5.75
C ALA D 248 25.20 19.75 6.78
N SER D 249 24.55 20.82 6.35
CA SER D 249 24.39 22.03 7.15
C SER D 249 23.18 22.80 6.65
N PRO D 250 22.78 23.85 7.37
CA PRO D 250 21.65 24.64 6.83
C PRO D 250 21.90 25.26 5.45
N LEU D 251 23.19 25.44 5.11
CA LEU D 251 23.55 26.10 3.84
C LEU D 251 24.18 25.19 2.77
N SER D 252 24.40 23.93 3.10
CA SER D 252 25.01 22.99 2.12
C SER D 252 24.10 22.76 0.90
N ILE D 253 24.75 22.56 -0.25
CA ILE D 253 24.08 22.32 -1.53
C ILE D 253 24.37 20.87 -1.91
N ALA D 254 23.34 20.12 -2.29
CA ALA D 254 23.51 18.72 -2.71
C ALA D 254 24.07 18.68 -4.14
N THR D 255 25.39 18.83 -4.24
CA THR D 255 26.07 18.85 -5.52
C THR D 255 26.41 17.42 -5.93
N SER D 256 26.84 17.26 -7.18
CA SER D 256 27.20 15.98 -7.75
C SER D 256 28.66 15.60 -7.53
N PHE D 257 28.89 14.30 -7.26
CA PHE D 257 30.21 13.76 -7.05
C PHE D 257 30.46 12.54 -7.93
N ASN D 258 31.71 12.28 -8.23
CA ASN D 258 32.14 11.07 -8.87
C ASN D 258 32.69 10.16 -7.79
N VAL D 259 32.31 8.90 -7.88
CA VAL D 259 32.64 7.91 -6.84
C VAL D 259 33.34 6.70 -7.47
N VAL D 260 34.39 6.21 -6.83
CA VAL D 260 34.98 4.93 -7.20
C VAL D 260 35.20 4.13 -5.92
N ALA D 261 34.65 2.93 -5.85
CA ALA D 261 34.78 2.05 -4.73
C ALA D 261 35.40 0.76 -5.18
N ALA D 262 36.27 0.18 -4.35
CA ALA D 262 36.91 -1.08 -4.64
C ALA D 262 36.98 -1.94 -3.43
N GLY D 263 36.98 -3.25 -3.63
CA GLY D 263 37.17 -4.19 -2.57
C GLY D 263 38.59 -4.26 -2.07
N ASP D 264 39.55 -3.97 -2.92
CA ASP D 264 41.00 -4.10 -2.68
C ASP D 264 41.67 -2.79 -3.09
N LYS D 265 42.56 -2.29 -2.22
CA LYS D 265 43.33 -1.08 -2.48
C LYS D 265 44.14 -1.13 -3.80
N GLN D 266 44.61 -2.32 -4.20
CA GLN D 266 45.34 -2.47 -5.44
C GLN D 266 44.51 -2.08 -6.64
N ILE D 267 43.33 -2.65 -6.67
CA ILE D 267 42.35 -2.39 -7.72
C ILE D 267 41.98 -0.91 -7.70
N HIS D 268 41.74 -0.36 -6.52
CA HIS D 268 41.40 1.02 -6.44
C HIS D 268 42.45 1.93 -7.09
N GLN D 269 43.73 1.70 -6.76
CA GLN D 269 44.76 2.53 -7.34
C GLN D 269 44.85 2.36 -8.88
N GLN D 270 44.69 1.13 -9.38
CA GLN D 270 44.71 0.90 -10.81
C GLN D 270 43.54 1.63 -11.47
N ALA D 271 42.38 1.61 -10.82
CA ALA D 271 41.22 2.33 -11.35
C ALA D 271 41.49 3.85 -11.38
N LEU D 272 42.08 4.40 -10.31
CA LEU D 272 42.43 5.83 -10.30
C LEU D 272 43.39 6.18 -11.42
N ASP D 273 44.35 5.29 -11.68
CA ASP D 273 45.34 5.56 -12.74
C ASP D 273 44.68 5.58 -14.10
N SER D 274 43.65 4.74 -14.32
CA SER D 274 42.94 4.69 -15.57
C SER D 274 41.98 5.88 -15.73
N LEU D 275 41.28 6.27 -14.66
CA LEU D 275 40.40 7.41 -14.73
C LEU D 275 41.16 8.69 -15.10
N GLN D 276 42.40 8.82 -14.63
CA GLN D 276 43.27 9.96 -14.95
C GLN D 276 42.56 11.26 -14.73
N TRP D 277 41.85 11.36 -13.61
CA TRP D 277 40.94 12.48 -13.38
C TRP D 277 41.63 13.64 -12.69
CL CL E . -54.57 -6.36 3.55
CL CL F . -21.63 -15.98 -1.17
CL CL G . -18.12 -14.46 8.16
CL CL H . -2.62 40.45 18.71
CL CL I . 4.27 6.41 21.55
CL CL J . 2.06 3.61 12.15
CL CL K . 15.15 -10.72 -36.16
CL CL L . 19.27 14.72 21.59
CL CL M . 36.09 13.46 -8.73
#